data_2DVG
#
_entry.id   2DVG
#
_cell.length_a   126.190
_cell.length_b   124.660
_cell.length_c   75.740
_cell.angle_alpha   90.00
_cell.angle_beta   90.00
_cell.angle_gamma   90.00
#
_symmetry.space_group_name_H-M   'P 21 21 2'
#
loop_
_entity.id
_entity.type
_entity.pdbx_description
1 polymer 'Galactose-binding lectin'
2 branched alpha-D-galactopyranose-(1-6)-beta-D-glucopyranose
3 non-polymer alpha-D-galactopyranose
4 non-polymer 'CALCIUM ION'
5 non-polymer 'MANGANESE (II) ION'
6 non-polymer 'SULFATE ION'
7 water water
#
_entity_poly.entity_id   1
_entity_poly.type   'polypeptide(L)'
_entity_poly.pdbx_seq_one_letter_code
;AETVSFNFNSFSEGNPAINFQGDVTVLSNGNIQLTNLNKVNSVGRVLYAMPVRIWSSATGNVASFLTSFSFEMKDIKDYD
PADGIIFFIAPEDTQIPAGSIGGGTLGVSDTKGAGHFVGVEFDTYSNSEYNDPPTDHVGIDVNSVDSVKTVPWNSVSGAV
VKVTVIYDSSTKTLSVAVTNDNGDITTIAQVVDLKAKLPERVKFGFSASGSLGGRQIHLIRSWSFTSTLITTTRRS
;
_entity_poly.pdbx_strand_id   A,B,C,D
#
loop_
_chem_comp.id
_chem_comp.type
_chem_comp.name
_chem_comp.formula
BGC D-saccharide, beta linking beta-D-glucopyranose 'C6 H12 O6'
CA non-polymer 'CALCIUM ION' 'Ca 2'
GLA D-saccharide, alpha linking alpha-D-galactopyranose 'C6 H12 O6'
MN non-polymer 'MANGANESE (II) ION' 'Mn 2'
SO4 non-polymer 'SULFATE ION' 'O4 S -2'
#
# COMPACT_ATOMS: atom_id res chain seq x y z
N ALA A 1 -10.28 8.60 10.01
CA ALA A 1 -9.22 7.56 9.87
C ALA A 1 -7.85 8.19 9.61
N GLU A 2 -7.10 8.47 10.67
CA GLU A 2 -5.78 9.06 10.51
C GLU A 2 -4.71 7.98 10.47
N THR A 3 -4.05 7.83 9.32
CA THR A 3 -3.02 6.80 9.15
C THR A 3 -1.65 7.24 8.71
N VAL A 4 -0.63 6.62 9.31
CA VAL A 4 0.76 6.86 8.95
C VAL A 4 1.33 5.49 8.56
N SER A 5 1.91 5.41 7.36
CA SER A 5 2.48 4.16 6.89
C SER A 5 3.62 4.38 5.92
N PHE A 6 4.69 3.63 6.14
CA PHE A 6 5.86 3.70 5.31
C PHE A 6 6.48 2.32 5.20
N ASN A 7 7.57 2.21 4.44
CA ASN A 7 8.21 0.92 4.27
C ASN A 7 9.62 1.05 3.70
N PHE A 8 10.62 0.75 4.54
CA PHE A 8 12.02 0.80 4.15
C PHE A 8 12.51 -0.62 3.93
N ASN A 9 13.01 -0.88 2.71
CA ASN A 9 13.55 -2.19 2.36
C ASN A 9 15.06 -2.04 2.52
N SER A 10 15.48 -0.79 2.51
CA SER A 10 16.87 -0.41 2.66
C SER A 10 16.87 1.07 3.09
N PHE A 11 18.04 1.61 3.38
CA PHE A 11 18.12 3.00 3.78
C PHE A 11 19.17 3.71 2.96
N SER A 12 19.28 5.02 3.16
CA SER A 12 20.25 5.80 2.40
C SER A 12 20.66 7.06 3.14
N GLU A 13 21.95 7.36 3.09
CA GLU A 13 22.45 8.57 3.73
C GLU A 13 21.92 9.70 2.88
N GLY A 14 20.92 10.42 3.38
CA GLY A 14 20.37 11.52 2.60
C GLY A 14 18.86 11.57 2.59
N ASN A 15 18.23 10.43 2.88
CA ASN A 15 16.79 10.37 2.92
C ASN A 15 16.31 11.26 4.07
N PRO A 16 15.50 12.29 3.76
CA PRO A 16 15.00 13.18 4.81
C PRO A 16 14.02 12.52 5.79
N ALA A 17 13.48 11.37 5.38
CA ALA A 17 12.54 10.64 6.20
C ALA A 17 13.14 9.98 7.44
N ILE A 18 14.46 10.07 7.60
CA ILE A 18 15.13 9.44 8.73
C ILE A 18 16.12 10.31 9.48
N ASN A 19 15.94 10.37 10.80
CA ASN A 19 16.82 11.12 11.68
C ASN A 19 17.92 10.20 12.17
N PHE A 20 19.17 10.64 12.07
CA PHE A 20 20.30 9.86 12.52
C PHE A 20 20.93 10.53 13.74
N GLN A 21 20.98 9.80 14.86
CA GLN A 21 21.58 10.33 16.07
C GLN A 21 22.76 9.47 16.49
N GLY A 22 23.83 10.09 16.97
CA GLY A 22 24.99 9.34 17.42
C GLY A 22 25.88 8.70 16.37
N ASP A 23 26.48 7.56 16.72
CA ASP A 23 27.38 6.83 15.83
C ASP A 23 26.73 6.13 14.64
N VAL A 24 25.45 6.39 14.39
CA VAL A 24 24.81 5.71 13.27
C VAL A 24 25.55 5.95 11.96
N THR A 25 25.47 4.97 11.07
CA THR A 25 26.11 5.06 9.76
C THR A 25 25.34 4.15 8.81
N VAL A 26 25.33 4.51 7.52
CA VAL A 26 24.62 3.71 6.51
C VAL A 26 25.64 2.95 5.67
N LEU A 27 25.50 1.63 5.63
CA LEU A 27 26.41 0.78 4.87
C LEU A 27 26.13 0.76 3.38
N SER A 28 27.18 0.52 2.59
CA SER A 28 27.09 0.48 1.14
C SER A 28 26.01 -0.46 0.60
N ASN A 29 25.51 -1.34 1.45
CA ASN A 29 24.49 -2.30 1.04
C ASN A 29 23.08 -1.91 1.51
N GLY A 30 22.94 -0.70 2.02
CA GLY A 30 21.62 -0.26 2.46
C GLY A 30 21.30 -0.42 3.93
N ASN A 31 22.08 -1.25 4.63
CA ASN A 31 21.85 -1.46 6.04
C ASN A 31 22.27 -0.23 6.82
N ILE A 32 21.75 -0.12 8.04
CA ILE A 32 22.12 0.97 8.92
C ILE A 32 22.96 0.28 9.97
N GLN A 33 24.07 0.88 10.34
CA GLN A 33 24.91 0.32 11.39
C GLN A 33 24.75 1.29 12.55
N LEU A 34 24.19 0.80 13.65
CA LEU A 34 23.93 1.62 14.82
C LEU A 34 25.11 1.99 15.71
N THR A 35 26.17 1.18 15.74
CA THR A 35 27.29 1.52 16.61
C THR A 35 28.63 1.54 15.91
N ASN A 36 29.54 2.37 16.45
CA ASN A 36 30.90 2.51 15.93
C ASN A 36 31.80 1.55 16.72
N LEU A 37 32.33 0.54 16.03
CA LEU A 37 33.17 -0.48 16.66
C LEU A 37 34.48 0.00 17.28
N ASN A 38 35.03 1.09 16.77
CA ASN A 38 36.27 1.60 17.30
C ASN A 38 36.08 2.67 18.36
N LYS A 39 34.83 2.87 18.79
CA LYS A 39 34.50 3.85 19.84
C LYS A 39 34.09 3.20 21.15
N VAL A 40 34.36 3.90 22.25
CA VAL A 40 34.01 3.42 23.58
C VAL A 40 32.62 3.95 23.93
N ASN A 41 31.82 3.11 24.57
CA ASN A 41 30.47 3.49 24.96
C ASN A 41 29.69 4.10 23.80
N SER A 42 29.81 3.46 22.64
CA SER A 42 29.15 3.92 21.42
C SER A 42 27.64 3.90 21.53
N VAL A 43 27.00 4.86 20.87
CA VAL A 43 25.55 4.94 20.87
C VAL A 43 25.09 5.51 19.53
N GLY A 44 24.19 4.80 18.88
CA GLY A 44 23.67 5.24 17.60
C GLY A 44 22.19 4.94 17.53
N ARG A 45 21.42 5.90 17.05
CA ARG A 45 19.98 5.70 16.96
C ARG A 45 19.45 6.23 15.65
N VAL A 46 18.39 5.61 15.16
CA VAL A 46 17.77 6.04 13.91
C VAL A 46 16.28 6.23 14.23
N LEU A 47 15.69 7.29 13.70
CA LEU A 47 14.28 7.56 13.95
C LEU A 47 13.53 7.94 12.70
N TYR A 48 12.21 7.75 12.73
CA TYR A 48 11.38 8.12 11.60
C TYR A 48 11.27 9.63 11.73
N ALA A 49 11.68 10.34 10.69
CA ALA A 49 11.67 11.80 10.72
C ALA A 49 10.38 12.42 11.22
N MET A 50 9.26 12.10 10.56
CA MET A 50 7.98 12.67 10.96
C MET A 50 7.46 12.21 12.29
N PRO A 51 7.05 13.15 13.16
CA PRO A 51 6.53 12.76 14.45
C PRO A 51 5.16 12.11 14.24
N VAL A 52 4.88 11.07 15.02
CA VAL A 52 3.61 10.36 14.91
C VAL A 52 2.74 10.62 16.12
N ARG A 53 1.49 10.99 15.86
CA ARG A 53 0.53 11.26 16.91
C ARG A 53 -0.21 9.98 17.32
N ILE A 54 0.29 9.32 18.37
CA ILE A 54 -0.29 8.06 18.84
C ILE A 54 -1.65 8.15 19.51
N TRP A 55 -2.02 9.32 20.01
CA TRP A 55 -3.32 9.48 20.64
C TRP A 55 -3.74 10.95 20.63
N SER A 56 -5.06 11.17 20.67
CA SER A 56 -5.63 12.52 20.62
C SER A 56 -6.08 13.10 21.96
N SER A 57 -5.87 14.40 22.10
CA SER A 57 -6.26 15.13 23.31
C SER A 57 -7.76 15.41 23.25
N ALA A 58 -8.31 15.42 22.04
CA ALA A 58 -9.73 15.69 21.83
C ALA A 58 -10.66 14.46 21.90
N THR A 59 -10.25 13.34 21.32
CA THR A 59 -11.07 12.12 21.29
C THR A 59 -10.65 11.11 22.34
N GLY A 60 -9.49 11.33 22.95
CA GLY A 60 -9.00 10.41 23.97
C GLY A 60 -8.63 9.06 23.35
N ASN A 61 -8.78 8.97 22.03
CA ASN A 61 -8.46 7.74 21.33
C ASN A 61 -6.96 7.52 21.14
N VAL A 62 -6.57 6.27 21.34
CA VAL A 62 -5.19 5.85 21.18
C VAL A 62 -5.17 5.03 19.90
N ALA A 63 -4.17 5.25 19.05
CA ALA A 63 -4.08 4.54 17.78
C ALA A 63 -3.49 3.15 17.96
N SER A 64 -3.71 2.30 16.95
CA SER A 64 -3.17 0.94 16.96
C SER A 64 -2.09 0.89 15.90
N PHE A 65 -1.16 -0.05 16.00
CA PHE A 65 -0.14 -0.13 14.98
C PHE A 65 0.46 -1.52 14.75
N LEU A 66 0.82 -1.72 13.49
CA LEU A 66 1.43 -2.95 13.04
C LEU A 66 2.76 -2.53 12.51
N THR A 67 3.79 -3.30 12.83
CA THR A 67 5.11 -2.95 12.33
C THR A 67 6.01 -4.16 12.40
N SER A 68 6.85 -4.32 11.39
CA SER A 68 7.77 -5.44 11.40
C SER A 68 9.10 -4.95 10.86
N PHE A 69 10.17 -5.66 11.19
CA PHE A 69 11.50 -5.26 10.77
C PHE A 69 12.49 -6.40 10.99
N SER A 70 13.69 -6.25 10.42
CA SER A 70 14.71 -7.26 10.58
C SER A 70 16.05 -6.61 10.86
N PHE A 71 16.85 -7.23 11.72
CA PHE A 71 18.16 -6.71 12.06
C PHE A 71 19.20 -7.82 12.16
N GLU A 72 20.46 -7.44 12.37
CA GLU A 72 21.53 -8.40 12.50
C GLU A 72 22.59 -8.01 13.53
N MET A 73 22.93 -8.95 14.39
CA MET A 73 23.95 -8.73 15.38
C MET A 73 25.11 -9.71 15.15
N LYS A 74 26.27 -9.17 14.76
CA LYS A 74 27.44 -10.01 14.49
C LYS A 74 28.57 -9.76 15.47
N ASP A 75 29.28 -10.82 15.83
CA ASP A 75 30.41 -10.69 16.73
C ASP A 75 31.63 -10.12 16.03
N ILE A 76 32.60 -9.67 16.82
CA ILE A 76 33.84 -9.15 16.28
C ILE A 76 34.97 -9.61 17.17
N LYS A 77 36.16 -9.74 16.59
CA LYS A 77 37.32 -10.14 17.36
C LYS A 77 37.85 -8.82 17.87
N ASP A 78 38.01 -8.69 19.18
CA ASP A 78 37.71 -9.75 20.11
C ASP A 78 37.03 -9.12 21.33
N TYR A 79 36.04 -8.29 21.06
CA TYR A 79 35.29 -7.64 22.11
C TYR A 79 34.16 -8.54 22.60
N ASP A 80 33.51 -8.11 23.67
CA ASP A 80 32.39 -8.85 24.23
C ASP A 80 31.18 -8.55 23.38
N PRO A 81 30.46 -9.59 22.96
CA PRO A 81 29.25 -9.44 22.14
C PRO A 81 28.16 -8.71 22.95
N ALA A 82 28.20 -7.37 22.90
CA ALA A 82 27.26 -6.53 23.63
C ALA A 82 27.10 -5.20 22.89
N ASP A 83 26.04 -4.42 23.20
CA ASP A 83 25.04 -4.73 24.21
C ASP A 83 23.64 -5.12 23.68
N GLY A 84 23.27 -4.63 22.51
CA GLY A 84 21.95 -4.99 21.99
C GLY A 84 21.22 -3.94 21.16
N ILE A 85 19.98 -4.26 20.81
CA ILE A 85 19.17 -3.37 19.99
C ILE A 85 17.77 -3.21 20.59
N ILE A 86 17.28 -1.97 20.60
CA ILE A 86 15.94 -1.69 21.12
C ILE A 86 15.10 -0.84 20.15
N PHE A 87 13.86 -1.27 19.97
CA PHE A 87 12.90 -0.58 19.12
C PHE A 87 12.11 0.22 20.13
N PHE A 88 11.99 1.53 19.94
CA PHE A 88 11.29 2.31 20.94
C PHE A 88 10.47 3.48 20.45
N ILE A 89 9.61 3.93 21.34
CA ILE A 89 8.73 5.08 21.13
C ILE A 89 9.12 6.07 22.21
N ALA A 90 9.17 7.35 21.86
CA ALA A 90 9.56 8.36 22.84
C ALA A 90 9.07 9.72 22.38
N PRO A 91 9.19 10.75 23.24
CA PRO A 91 8.75 12.10 22.87
C PRO A 91 9.50 12.56 21.62
N GLU A 92 8.84 13.37 20.80
CA GLU A 92 9.45 13.82 19.56
C GLU A 92 10.77 14.59 19.73
N ASP A 93 11.06 14.99 20.96
CA ASP A 93 12.29 15.73 21.23
C ASP A 93 13.35 14.81 21.81
N THR A 94 13.17 13.51 21.62
CA THR A 94 14.13 12.56 22.16
C THR A 94 15.52 12.70 21.57
N GLN A 95 16.50 12.77 22.45
CA GLN A 95 17.90 12.88 22.06
C GLN A 95 18.67 11.83 22.83
N ILE A 96 19.88 11.50 22.38
CA ILE A 96 20.67 10.51 23.10
C ILE A 96 20.93 11.01 24.52
N PRO A 97 20.60 10.20 25.53
CA PRO A 97 20.81 10.59 26.93
C PRO A 97 22.08 11.40 27.16
N ALA A 98 22.00 12.38 28.05
CA ALA A 98 23.15 13.20 28.37
C ALA A 98 24.19 12.32 29.06
N GLY A 99 25.47 12.59 28.79
CA GLY A 99 26.53 11.81 29.38
C GLY A 99 26.36 10.31 29.27
N SER A 100 25.54 9.87 28.34
CA SER A 100 25.28 8.45 28.14
C SER A 100 26.53 7.59 28.23
N ILE A 101 26.43 6.48 28.96
CA ILE A 101 27.55 5.56 29.12
C ILE A 101 27.34 4.33 28.23
N GLY A 102 26.33 4.40 27.38
CA GLY A 102 26.03 3.30 26.48
C GLY A 102 25.80 2.01 27.23
N GLY A 103 26.53 0.96 26.86
CA GLY A 103 26.39 -0.32 27.52
C GLY A 103 24.94 -0.76 27.62
N GLY A 104 24.58 -1.24 28.81
CA GLY A 104 23.23 -1.71 29.07
C GLY A 104 22.13 -0.66 29.11
N THR A 105 22.42 0.58 28.73
CA THR A 105 21.37 1.60 28.74
C THR A 105 20.79 1.66 27.34
N LEU A 106 21.35 0.85 26.45
CA LEU A 106 20.92 0.78 25.06
C LEU A 106 20.73 2.15 24.41
N GLY A 107 21.36 3.17 24.98
CA GLY A 107 21.24 4.51 24.43
C GLY A 107 19.88 5.16 24.59
N VAL A 108 19.05 4.64 25.49
CA VAL A 108 17.71 5.19 25.70
C VAL A 108 17.45 5.65 27.14
N SER A 109 18.35 5.30 28.05
CA SER A 109 18.18 5.68 29.44
C SER A 109 19.47 6.20 30.03
N ASP A 110 19.40 6.66 31.28
CA ASP A 110 20.58 7.17 31.95
C ASP A 110 21.37 6.03 32.60
N THR A 111 22.33 6.39 33.45
CA THR A 111 23.17 5.42 34.13
C THR A 111 22.39 4.47 35.03
N LYS A 112 21.30 4.95 35.61
CA LYS A 112 20.48 4.12 36.48
C LYS A 112 19.46 3.32 35.68
N GLY A 113 19.44 3.53 34.37
CA GLY A 113 18.52 2.80 33.51
C GLY A 113 17.19 3.48 33.21
N ALA A 114 16.94 4.58 33.89
CA ALA A 114 15.70 5.32 33.72
C ALA A 114 15.71 6.14 32.43
N GLY A 115 14.53 6.49 31.95
CA GLY A 115 14.41 7.27 30.74
C GLY A 115 12.95 7.44 30.40
N HIS A 116 12.65 8.18 29.35
CA HIS A 116 11.26 8.39 28.94
C HIS A 116 11.09 7.77 27.57
N PHE A 117 10.61 6.52 27.55
CA PHE A 117 10.43 5.78 26.30
C PHE A 117 9.66 4.48 26.52
N VAL A 118 9.31 3.86 25.40
CA VAL A 118 8.62 2.59 25.41
C VAL A 118 9.25 1.77 24.27
N GLY A 119 9.72 0.57 24.56
CA GLY A 119 10.32 -0.22 23.50
C GLY A 119 10.57 -1.68 23.78
N VAL A 120 10.90 -2.42 22.73
CA VAL A 120 11.22 -3.84 22.83
C VAL A 120 12.74 -3.97 22.66
N GLU A 121 13.38 -4.53 23.67
CA GLU A 121 14.81 -4.71 23.65
C GLU A 121 15.26 -6.12 23.26
N PHE A 122 16.43 -6.19 22.67
CA PHE A 122 17.03 -7.44 22.22
C PHE A 122 18.40 -7.48 22.89
N ASP A 123 18.37 -7.75 24.18
CA ASP A 123 19.55 -7.78 25.05
C ASP A 123 20.47 -8.99 24.85
N THR A 124 21.74 -8.72 24.63
CA THR A 124 22.74 -9.76 24.42
C THR A 124 23.84 -9.83 25.48
N TYR A 125 23.66 -9.09 26.57
CA TYR A 125 24.61 -9.09 27.69
C TYR A 125 23.80 -8.84 28.95
N SER A 126 24.07 -9.61 30.01
CA SER A 126 23.33 -9.50 31.25
C SER A 126 23.84 -8.47 32.26
N ASN A 127 23.13 -7.36 32.36
CA ASN A 127 23.49 -6.28 33.28
C ASN A 127 22.76 -6.38 34.62
N SER A 128 23.40 -6.97 35.62
CA SER A 128 22.76 -7.12 36.93
C SER A 128 22.39 -5.78 37.58
N GLU A 129 22.91 -4.67 37.06
CA GLU A 129 22.58 -3.38 37.63
C GLU A 129 21.20 -2.95 37.13
N TYR A 130 20.68 -3.69 36.17
CA TYR A 130 19.36 -3.41 35.61
C TYR A 130 18.48 -4.65 35.78
N ASN A 131 18.85 -5.50 36.74
CA ASN A 131 18.11 -6.73 37.02
C ASN A 131 17.88 -7.52 35.73
N ASP A 132 18.97 -7.84 35.04
CA ASP A 132 18.90 -8.57 33.78
C ASP A 132 18.86 -10.07 33.89
N PRO A 133 18.15 -10.72 32.97
CA PRO A 133 18.08 -12.18 33.00
C PRO A 133 19.49 -12.68 32.66
N PRO A 134 19.82 -13.90 33.07
CA PRO A 134 21.15 -14.45 32.80
C PRO A 134 21.49 -14.75 31.34
N THR A 135 20.48 -15.02 30.52
CA THR A 135 20.71 -15.35 29.11
C THR A 135 20.20 -14.26 28.19
N ASP A 136 20.58 -14.33 26.92
CA ASP A 136 20.10 -13.34 25.96
C ASP A 136 18.59 -13.30 26.18
N HIS A 137 17.94 -12.18 25.84
CA HIS A 137 16.51 -12.08 26.07
C HIS A 137 15.86 -10.89 25.42
N VAL A 138 14.55 -11.00 25.20
CA VAL A 138 13.78 -9.91 24.62
C VAL A 138 12.92 -9.35 25.76
N GLY A 139 12.69 -8.04 25.77
CA GLY A 139 11.89 -7.48 26.83
C GLY A 139 11.07 -6.26 26.47
N ILE A 140 10.02 -6.03 27.24
CA ILE A 140 9.15 -4.87 27.06
C ILE A 140 9.59 -3.87 28.12
N ASP A 141 10.17 -2.75 27.69
CA ASP A 141 10.63 -1.74 28.64
C ASP A 141 9.69 -0.53 28.68
N VAL A 142 9.56 0.05 29.87
CA VAL A 142 8.72 1.23 30.07
C VAL A 142 9.47 2.21 30.95
N ASN A 143 10.10 3.18 30.30
CA ASN A 143 10.85 4.21 30.99
C ASN A 143 12.00 3.62 31.80
N SER A 144 12.44 2.43 31.44
CA SER A 144 13.53 1.79 32.16
C SER A 144 14.10 0.60 31.39
N VAL A 145 15.40 0.33 31.56
CA VAL A 145 16.04 -0.81 30.91
C VAL A 145 15.93 -2.02 31.82
N ASP A 146 15.28 -1.82 32.96
CA ASP A 146 14.99 -2.91 33.88
C ASP A 146 13.62 -3.27 33.31
N SER A 147 13.60 -4.23 32.39
CA SER A 147 12.40 -4.65 31.72
C SER A 147 11.17 -4.91 32.59
N VAL A 148 10.00 -4.59 32.05
CA VAL A 148 8.75 -4.80 32.76
C VAL A 148 8.50 -6.32 32.75
N LYS A 149 8.93 -6.94 31.65
CA LYS A 149 8.82 -8.39 31.46
C LYS A 149 9.86 -8.84 30.43
N THR A 150 10.37 -10.06 30.59
CA THR A 150 11.34 -10.60 29.65
C THR A 150 11.05 -12.06 29.30
N VAL A 151 11.65 -12.53 28.22
CA VAL A 151 11.49 -13.91 27.76
C VAL A 151 12.83 -14.37 27.24
N PRO A 152 13.26 -15.58 27.64
CA PRO A 152 14.56 -16.10 27.18
C PRO A 152 14.63 -16.15 25.67
N TRP A 153 15.75 -15.69 25.13
CA TRP A 153 15.95 -15.67 23.71
C TRP A 153 17.42 -16.01 23.44
N ASN A 154 17.81 -16.03 22.18
CA ASN A 154 19.19 -16.37 21.83
C ASN A 154 19.65 -15.59 20.61
N SER A 155 20.69 -14.77 20.80
CA SER A 155 21.22 -13.97 19.72
C SER A 155 22.33 -14.72 18.99
N VAL A 156 22.03 -15.14 17.77
CA VAL A 156 22.99 -15.88 16.96
C VAL A 156 23.78 -14.96 16.02
N SER A 157 25.09 -14.89 16.25
CA SER A 157 25.97 -14.07 15.45
C SER A 157 25.79 -14.30 13.95
N GLY A 158 25.59 -13.21 13.21
CA GLY A 158 25.43 -13.30 11.78
C GLY A 158 24.02 -13.57 11.31
N ALA A 159 23.16 -14.01 12.23
CA ALA A 159 21.78 -14.33 11.88
C ALA A 159 20.87 -13.13 11.62
N VAL A 160 20.00 -13.26 10.63
CA VAL A 160 19.06 -12.21 10.28
C VAL A 160 17.81 -12.52 11.07
N VAL A 161 17.31 -11.54 11.81
CA VAL A 161 16.14 -11.77 12.64
C VAL A 161 14.96 -10.95 12.18
N LYS A 162 13.79 -11.60 12.11
CA LYS A 162 12.59 -10.92 11.69
C LYS A 162 11.74 -10.67 12.91
N VAL A 163 11.20 -9.46 13.02
CA VAL A 163 10.37 -9.12 14.17
C VAL A 163 9.08 -8.47 13.74
N THR A 164 7.98 -8.80 14.42
CA THR A 164 6.69 -8.20 14.14
C THR A 164 6.03 -7.83 15.46
N VAL A 165 5.55 -6.60 15.54
CA VAL A 165 4.91 -6.12 16.75
C VAL A 165 3.52 -5.62 16.41
N ILE A 166 2.61 -5.76 17.36
CA ILE A 166 1.26 -5.29 17.18
C ILE A 166 0.84 -4.61 18.46
N TYR A 167 0.29 -3.41 18.31
CA TYR A 167 -0.20 -2.71 19.47
C TYR A 167 -1.70 -2.51 19.29
N ASP A 168 -2.49 -3.22 20.08
CA ASP A 168 -3.93 -3.08 20.00
C ASP A 168 -4.30 -1.99 21.00
N SER A 169 -4.79 -0.86 20.50
CA SER A 169 -5.14 0.26 21.38
C SER A 169 -6.23 -0.02 22.40
N SER A 170 -7.23 -0.83 22.04
CA SER A 170 -8.32 -1.13 22.97
C SER A 170 -7.91 -1.89 24.24
N THR A 171 -7.13 -2.96 24.07
CA THR A 171 -6.68 -3.76 25.20
C THR A 171 -5.34 -3.23 25.66
N LYS A 172 -4.81 -2.28 24.89
CA LYS A 172 -3.52 -1.67 25.18
C LYS A 172 -2.44 -2.73 25.22
N THR A 173 -2.64 -3.80 24.45
CA THR A 173 -1.69 -4.89 24.42
C THR A 173 -0.57 -4.73 23.39
N LEU A 174 0.68 -4.77 23.87
CA LEU A 174 1.85 -4.67 23.00
C LEU A 174 2.30 -6.12 22.77
N SER A 175 2.18 -6.60 21.53
CA SER A 175 2.57 -7.98 21.24
C SER A 175 3.77 -8.11 20.31
N VAL A 176 4.69 -9.02 20.65
CA VAL A 176 5.89 -9.20 19.85
C VAL A 176 6.16 -10.65 19.41
N ALA A 177 6.47 -10.81 18.12
CA ALA A 177 6.78 -12.13 17.54
C ALA A 177 8.15 -12.08 16.84
N VAL A 178 9.10 -12.81 17.39
CA VAL A 178 10.47 -12.85 16.89
C VAL A 178 10.77 -14.19 16.22
N THR A 179 11.54 -14.16 15.14
CA THR A 179 11.86 -15.40 14.44
C THR A 179 13.36 -15.68 14.33
N ASN A 180 13.88 -16.51 15.23
CA ASN A 180 15.29 -16.89 15.23
C ASN A 180 15.69 -17.43 13.85
N ASP A 181 16.99 -17.62 13.63
CA ASP A 181 17.50 -18.11 12.34
C ASP A 181 17.01 -19.52 12.00
N ASN A 182 16.86 -20.35 13.02
CA ASN A 182 16.40 -21.73 12.83
C ASN A 182 14.89 -21.84 12.59
N GLY A 183 14.25 -20.71 12.30
CA GLY A 183 12.82 -20.71 12.04
C GLY A 183 11.90 -20.87 13.25
N ASP A 184 12.44 -20.83 14.46
CA ASP A 184 11.64 -20.95 15.67
C ASP A 184 11.20 -19.56 16.06
N ILE A 185 10.04 -19.45 16.71
CA ILE A 185 9.58 -18.14 17.14
C ILE A 185 9.57 -17.96 18.64
N THR A 186 9.74 -16.72 19.05
CA THR A 186 9.73 -16.37 20.44
C THR A 186 8.77 -15.19 20.54
N THR A 187 7.81 -15.29 21.44
CA THR A 187 6.87 -14.20 21.60
C THR A 187 6.78 -13.70 23.05
N ILE A 188 6.38 -12.44 23.18
CA ILE A 188 6.20 -11.81 24.47
C ILE A 188 5.17 -10.69 24.32
N ALA A 189 4.28 -10.60 25.30
CA ALA A 189 3.24 -9.59 25.31
C ALA A 189 3.16 -8.95 26.69
N GLN A 190 2.47 -7.81 26.78
CA GLN A 190 2.32 -7.06 28.02
C GLN A 190 1.46 -5.84 27.77
N VAL A 191 0.50 -5.60 28.64
CA VAL A 191 -0.35 -4.43 28.48
C VAL A 191 0.49 -3.23 28.87
N VAL A 192 0.41 -2.18 28.06
CA VAL A 192 1.15 -0.93 28.26
C VAL A 192 0.27 0.22 27.81
N ASP A 193 0.01 1.16 28.70
CA ASP A 193 -0.83 2.32 28.37
C ASP A 193 -0.03 3.46 27.75
N LEU A 194 -0.06 3.54 26.41
CA LEU A 194 0.68 4.57 25.69
C LEU A 194 0.17 5.97 26.00
N LYS A 195 -1.15 6.09 26.12
CA LYS A 195 -1.79 7.36 26.41
C LYS A 195 -1.37 7.85 27.79
N ALA A 196 -0.88 6.93 28.61
CA ALA A 196 -0.45 7.29 29.96
C ALA A 196 1.06 7.41 30.12
N LYS A 197 1.82 6.66 29.32
CA LYS A 197 3.27 6.69 29.45
C LYS A 197 3.97 7.65 28.47
N LEU A 198 3.26 8.08 27.43
CA LEU A 198 3.84 8.98 26.42
C LEU A 198 2.93 10.15 26.00
N PRO A 199 3.53 11.24 25.51
CA PRO A 199 2.75 12.39 25.08
C PRO A 199 2.02 12.03 23.78
N GLU A 200 1.30 12.99 23.21
CA GLU A 200 0.55 12.77 21.97
C GLU A 200 1.44 12.62 20.73
N ARG A 201 2.52 13.39 20.67
CA ARG A 201 3.41 13.29 19.52
C ARG A 201 4.71 12.59 19.93
N VAL A 202 4.95 11.42 19.34
CA VAL A 202 6.14 10.65 19.62
C VAL A 202 6.87 10.29 18.33
N LYS A 203 7.98 9.56 18.46
CA LYS A 203 8.75 9.12 17.31
C LYS A 203 9.21 7.68 17.48
N PHE A 204 9.29 6.95 16.38
CA PHE A 204 9.70 5.55 16.44
C PHE A 204 11.08 5.38 15.85
N GLY A 205 11.82 4.39 16.35
CA GLY A 205 13.14 4.18 15.82
C GLY A 205 13.88 3.04 16.48
N PHE A 206 15.18 2.95 16.20
CA PHE A 206 16.05 1.92 16.74
C PHE A 206 17.28 2.48 17.44
N SER A 207 17.72 1.81 18.50
CA SER A 207 18.90 2.24 19.24
C SER A 207 19.79 1.06 19.61
N ALA A 208 21.09 1.31 19.73
CA ALA A 208 22.06 0.27 20.08
C ALA A 208 23.29 0.89 20.74
N SER A 209 23.94 0.11 21.60
CA SER A 209 25.11 0.60 22.29
C SER A 209 26.10 -0.48 22.70
N GLY A 210 27.30 -0.04 23.04
CA GLY A 210 28.35 -0.93 23.47
C GLY A 210 29.14 -0.23 24.57
N SER A 211 30.19 -0.87 25.06
CA SER A 211 31.01 -0.28 26.11
C SER A 211 32.47 -0.32 25.69
N LEU A 212 33.38 -0.11 26.64
CA LEU A 212 34.79 -0.16 26.32
C LEU A 212 35.13 -1.61 25.97
N GLY A 213 34.62 -2.53 26.78
CA GLY A 213 34.91 -3.93 26.53
C GLY A 213 33.85 -4.66 25.72
N GLY A 214 32.63 -4.14 25.73
CA GLY A 214 31.56 -4.77 24.99
C GLY A 214 31.23 -4.07 23.69
N ARG A 215 31.48 -4.76 22.58
CA ARG A 215 31.20 -4.19 21.27
C ARG A 215 30.75 -5.29 20.31
N GLN A 216 30.02 -4.91 19.28
CA GLN A 216 29.53 -5.84 18.27
C GLN A 216 28.77 -5.07 17.22
N ILE A 217 28.62 -5.66 16.04
CA ILE A 217 27.91 -5.01 14.95
C ILE A 217 26.40 -5.11 15.14
N HIS A 218 25.74 -3.96 15.12
CA HIS A 218 24.30 -3.88 15.27
C HIS A 218 23.78 -3.31 13.97
N LEU A 219 23.08 -4.11 13.19
CA LEU A 219 22.57 -3.65 11.91
C LEU A 219 21.04 -3.70 11.82
N ILE A 220 20.46 -2.65 11.26
CA ILE A 220 19.01 -2.60 11.06
C ILE A 220 18.82 -2.75 9.54
N ARG A 221 18.22 -3.88 9.14
CA ARG A 221 18.02 -4.19 7.73
C ARG A 221 16.77 -3.66 7.02
N SER A 222 15.60 -3.77 7.64
CA SER A 222 14.40 -3.26 7.00
C SER A 222 13.40 -2.83 8.06
N TRP A 223 12.35 -2.12 7.62
CA TRP A 223 11.33 -1.63 8.54
C TRP A 223 10.06 -1.16 7.81
N SER A 224 8.92 -1.72 8.20
CA SER A 224 7.64 -1.32 7.60
C SER A 224 6.83 -0.87 8.80
N PHE A 225 5.83 -0.01 8.60
CA PHE A 225 5.05 0.47 9.73
C PHE A 225 3.72 1.09 9.34
N THR A 226 2.69 0.78 10.10
CA THR A 226 1.36 1.32 9.86
C THR A 226 0.68 1.59 11.20
N SER A 227 0.23 2.81 11.37
CA SER A 227 -0.49 3.20 12.58
C SER A 227 -1.79 3.85 12.12
N THR A 228 -2.85 3.67 12.88
CA THR A 228 -4.12 4.25 12.53
C THR A 228 -4.79 4.74 13.79
N LEU A 229 -5.28 5.96 13.76
CA LEU A 229 -5.99 6.55 14.89
C LEU A 229 -7.40 6.84 14.39
N ILE A 230 -8.39 6.55 15.21
CA ILE A 230 -9.77 6.81 14.82
C ILE A 230 -10.19 8.22 15.19
N THR A 231 -10.43 9.02 14.16
CA THR A 231 -10.82 10.42 14.28
C THR A 231 -12.29 10.63 14.62
N THR A 232 -13.14 9.75 14.10
CA THR A 232 -14.58 9.85 14.34
C THR A 232 -14.92 9.67 15.81
N ALA B 1 16.25 2.51 -3.82
CA ALA B 1 14.96 3.19 -4.14
C ALA B 1 14.39 3.94 -2.93
N GLU B 2 14.51 5.27 -2.97
CA GLU B 2 14.01 6.12 -1.89
C GLU B 2 12.58 6.49 -2.28
N THR B 3 11.62 6.04 -1.49
CA THR B 3 10.23 6.31 -1.81
C THR B 3 9.42 7.03 -0.73
N VAL B 4 8.50 7.86 -1.19
CA VAL B 4 7.62 8.61 -0.31
C VAL B 4 6.20 8.35 -0.79
N SER B 5 5.32 8.00 0.13
CA SER B 5 3.93 7.75 -0.24
C SER B 5 3.06 7.88 0.98
N PHE B 6 1.81 8.22 0.72
CA PHE B 6 0.81 8.39 1.76
C PHE B 6 -0.55 8.46 1.07
N ASN B 7 -1.59 8.53 1.88
CA ASN B 7 -2.94 8.60 1.35
C ASN B 7 -3.86 9.20 2.39
N PHE B 8 -4.53 10.28 2.03
CA PHE B 8 -5.45 10.98 2.90
C PHE B 8 -6.87 10.90 2.36
N ASN B 9 -7.75 10.22 3.09
CA ASN B 9 -9.15 10.09 2.67
C ASN B 9 -9.94 11.24 3.29
N SER B 10 -9.29 11.93 4.22
CA SER B 10 -9.87 13.08 4.92
C SER B 10 -8.71 13.66 5.70
N PHE B 11 -8.96 14.76 6.41
CA PHE B 11 -7.90 15.37 7.20
C PHE B 11 -8.41 15.72 8.59
N SER B 12 -7.49 16.10 9.47
CA SER B 12 -7.86 16.47 10.82
C SER B 12 -6.80 17.37 11.42
N GLU B 13 -7.20 18.53 11.94
CA GLU B 13 -6.22 19.42 12.52
C GLU B 13 -5.55 18.62 13.61
N GLY B 14 -4.24 18.54 13.56
CA GLY B 14 -3.53 17.78 14.58
C GLY B 14 -2.49 16.85 14.02
N ASN B 15 -2.76 16.26 12.84
CA ASN B 15 -1.82 15.35 12.23
C ASN B 15 -0.52 16.08 11.89
N PRO B 16 0.57 15.75 12.61
CA PRO B 16 1.84 16.43 12.33
C PRO B 16 2.39 16.22 10.92
N ALA B 17 1.81 15.26 10.20
CA ALA B 17 2.23 14.97 8.84
C ALA B 17 1.81 16.11 7.91
N ILE B 18 1.01 17.03 8.44
CA ILE B 18 0.57 18.15 7.63
C ILE B 18 1.02 19.50 8.17
N ASN B 19 1.35 20.39 7.23
CA ASN B 19 1.79 21.74 7.53
C ASN B 19 0.71 22.70 7.08
N PHE B 20 0.17 23.46 8.02
CA PHE B 20 -0.87 24.43 7.67
C PHE B 20 -0.25 25.84 7.63
N GLN B 21 -0.68 26.63 6.67
CA GLN B 21 -0.17 27.99 6.55
C GLN B 21 -1.33 28.92 6.20
N GLY B 22 -1.31 30.13 6.75
CA GLY B 22 -2.36 31.08 6.49
C GLY B 22 -3.72 30.75 7.08
N ASP B 23 -4.78 31.06 6.33
CA ASP B 23 -6.15 30.84 6.77
C ASP B 23 -6.69 29.43 6.53
N VAL B 24 -5.83 28.44 6.43
CA VAL B 24 -6.30 27.08 6.20
C VAL B 24 -7.17 26.66 7.38
N THR B 25 -8.07 25.71 7.15
CA THR B 25 -8.95 25.22 8.21
C THR B 25 -9.44 23.82 7.88
N VAL B 26 -9.67 23.02 8.91
CA VAL B 26 -10.15 21.65 8.73
C VAL B 26 -11.58 21.54 9.22
N LEU B 27 -12.51 21.37 8.29
CA LEU B 27 -13.93 21.24 8.63
C LEU B 27 -14.21 19.99 9.45
N SER B 28 -15.46 19.88 9.89
CA SER B 28 -15.92 18.74 10.70
C SER B 28 -16.04 17.44 9.91
N ASN B 29 -16.26 17.56 8.60
CA ASN B 29 -16.40 16.40 7.74
C ASN B 29 -15.07 15.77 7.34
N GLY B 30 -13.98 16.46 7.64
CA GLY B 30 -12.67 15.94 7.29
C GLY B 30 -12.04 16.69 6.12
N ASN B 31 -12.81 17.59 5.51
CA ASN B 31 -12.32 18.37 4.37
C ASN B 31 -11.46 19.54 4.83
N ILE B 32 -10.54 19.94 3.96
CA ILE B 32 -9.68 21.07 4.27
C ILE B 32 -10.20 22.25 3.46
N GLN B 33 -10.48 23.34 4.17
CA GLN B 33 -10.96 24.57 3.54
C GLN B 33 -9.76 25.50 3.54
N LEU B 34 -9.26 25.82 2.35
CA LEU B 34 -8.08 26.65 2.22
C LEU B 34 -8.23 28.12 2.57
N THR B 35 -9.39 28.71 2.28
CA THR B 35 -9.56 30.14 2.58
C THR B 35 -10.70 30.51 3.53
N ASN B 36 -10.55 31.69 4.12
CA ASN B 36 -11.48 32.31 5.07
C ASN B 36 -12.41 33.23 4.27
N LEU B 37 -13.72 33.03 4.40
CA LEU B 37 -14.68 33.84 3.66
C LEU B 37 -14.95 35.25 4.19
N ASN B 38 -14.48 35.53 5.40
CA ASN B 38 -14.67 36.84 6.00
C ASN B 38 -13.40 37.67 6.04
N LYS B 39 -12.37 37.21 5.34
CA LYS B 39 -11.09 37.91 5.29
C LYS B 39 -10.79 38.48 3.92
N VAL B 40 -10.01 39.54 3.89
CA VAL B 40 -9.62 40.17 2.64
C VAL B 40 -8.29 39.56 2.19
N ASN B 41 -8.17 39.28 0.90
CA ASN B 41 -6.95 38.70 0.35
C ASN B 41 -6.53 37.45 1.13
N SER B 42 -7.52 36.66 1.52
CA SER B 42 -7.27 35.45 2.28
C SER B 42 -6.37 34.49 1.53
N VAL B 43 -5.57 33.74 2.28
CA VAL B 43 -4.66 32.76 1.70
C VAL B 43 -4.37 31.63 2.68
N GLY B 44 -4.63 30.41 2.24
CA GLY B 44 -4.38 29.26 3.07
C GLY B 44 -3.70 28.22 2.22
N ARG B 45 -2.70 27.55 2.79
CA ARG B 45 -1.97 26.51 2.07
C ARG B 45 -1.73 25.31 2.98
N VAL B 46 -1.73 24.14 2.38
CA VAL B 46 -1.51 22.90 3.11
C VAL B 46 -0.35 22.20 2.39
N LEU B 47 0.60 21.66 3.16
CA LEU B 47 1.75 20.96 2.58
C LEU B 47 2.03 19.66 3.32
N TYR B 48 2.65 18.70 2.64
CA TYR B 48 3.00 17.48 3.33
C TYR B 48 4.17 17.91 4.20
N ALA B 49 4.04 17.69 5.51
CA ALA B 49 5.07 18.08 6.45
C ALA B 49 6.47 17.59 6.12
N MET B 50 6.58 16.40 5.55
CA MET B 50 7.90 15.89 5.24
C MET B 50 8.43 16.32 3.88
N PRO B 51 9.71 16.71 3.83
CA PRO B 51 10.33 17.14 2.58
C PRO B 51 10.61 15.92 1.72
N VAL B 52 10.50 16.10 0.41
CA VAL B 52 10.73 15.04 -0.55
C VAL B 52 12.00 15.35 -1.35
N ARG B 53 12.86 14.35 -1.42
CA ARG B 53 14.12 14.50 -2.13
C ARG B 53 13.88 14.17 -3.60
N ILE B 54 13.41 15.16 -4.39
CA ILE B 54 13.15 14.93 -5.81
C ILE B 54 14.35 14.74 -6.72
N TRP B 55 15.55 15.06 -6.25
CA TRP B 55 16.72 14.83 -7.07
C TRP B 55 17.99 14.94 -6.26
N SER B 56 18.95 14.08 -6.59
CA SER B 56 20.22 14.03 -5.88
C SER B 56 21.31 14.73 -6.68
N SER B 57 22.13 15.50 -5.97
CA SER B 57 23.23 16.22 -6.59
C SER B 57 24.40 15.24 -6.77
N ALA B 58 24.37 14.15 -6.01
CA ALA B 58 25.40 13.14 -6.08
C ALA B 58 25.27 12.28 -7.33
N THR B 59 24.11 11.65 -7.50
CA THR B 59 23.83 10.79 -8.65
C THR B 59 23.29 11.58 -9.83
N GLY B 60 22.62 12.69 -9.54
CA GLY B 60 22.03 13.49 -10.59
C GLY B 60 20.69 12.91 -10.99
N ASN B 61 20.31 11.83 -10.30
CA ASN B 61 19.06 11.19 -10.60
C ASN B 61 17.86 11.98 -10.10
N VAL B 62 16.85 12.08 -10.95
CA VAL B 62 15.62 12.79 -10.61
C VAL B 62 14.54 11.74 -10.34
N ALA B 63 13.60 12.08 -9.47
CA ALA B 63 12.55 11.14 -9.14
C ALA B 63 11.33 11.33 -10.00
N SER B 64 10.50 10.29 -10.06
CA SER B 64 9.26 10.33 -10.79
C SER B 64 8.19 10.26 -9.73
N PHE B 65 6.96 10.61 -10.08
CA PHE B 65 5.90 10.53 -9.09
C PHE B 65 4.51 10.44 -9.67
N LEU B 66 3.62 9.92 -8.85
CA LEU B 66 2.23 9.78 -9.21
C LEU B 66 1.46 10.37 -8.05
N THR B 67 0.36 11.04 -8.36
CA THR B 67 -0.43 11.63 -7.30
C THR B 67 -1.84 11.91 -7.76
N SER B 68 -2.78 11.84 -6.84
CA SER B 68 -4.18 12.09 -7.15
C SER B 68 -4.85 12.79 -6.00
N PHE B 69 -5.70 13.76 -6.33
CA PHE B 69 -6.42 14.50 -5.31
C PHE B 69 -7.77 14.93 -5.87
N SER B 70 -8.62 15.45 -4.99
CA SER B 70 -9.94 15.91 -5.40
C SER B 70 -10.25 17.16 -4.59
N PHE B 71 -10.90 18.12 -5.23
CA PHE B 71 -11.25 19.37 -4.59
C PHE B 71 -12.65 19.83 -4.99
N GLU B 72 -13.05 20.97 -4.46
CA GLU B 72 -14.36 21.52 -4.76
C GLU B 72 -14.30 23.03 -4.59
N MET B 73 -15.04 23.74 -5.44
CA MET B 73 -15.09 25.19 -5.36
C MET B 73 -16.54 25.66 -5.44
N LYS B 74 -17.18 25.75 -4.28
CA LYS B 74 -18.56 26.19 -4.21
C LYS B 74 -18.63 27.72 -4.14
N ASP B 75 -19.56 28.30 -4.90
CA ASP B 75 -19.74 29.74 -4.93
C ASP B 75 -20.49 30.20 -3.68
N ILE B 76 -20.35 31.47 -3.36
CA ILE B 76 -21.05 32.06 -2.21
C ILE B 76 -21.46 33.46 -2.65
N LYS B 77 -22.56 33.97 -2.12
CA LYS B 77 -22.97 35.32 -2.46
C LYS B 77 -22.21 36.17 -1.46
N ASP B 78 -21.85 37.41 -1.78
CA ASP B 78 -22.15 38.07 -3.03
C ASP B 78 -20.83 38.36 -3.72
N TYR B 79 -19.80 37.60 -3.36
CA TYR B 79 -18.48 37.82 -3.95
C TYR B 79 -18.27 37.13 -5.30
N ASP B 80 -17.26 37.61 -6.03
CA ASP B 80 -16.90 37.02 -7.30
C ASP B 80 -16.23 35.69 -6.94
N PRO B 81 -16.71 34.57 -7.49
CA PRO B 81 -16.08 33.29 -7.15
C PRO B 81 -14.65 33.17 -7.70
N ALA B 82 -13.68 33.62 -6.92
CA ALA B 82 -12.28 33.59 -7.29
C ALA B 82 -11.50 33.23 -6.03
N ASP B 83 -10.21 32.93 -6.12
CA ASP B 83 -9.45 32.92 -7.37
C ASP B 83 -9.09 31.53 -7.84
N GLY B 84 -9.33 30.53 -7.00
CA GLY B 84 -9.01 29.17 -7.41
C GLY B 84 -7.99 28.43 -6.56
N ILE B 85 -7.54 27.28 -7.06
CA ILE B 85 -6.58 26.47 -6.34
C ILE B 85 -5.36 26.13 -7.18
N ILE B 86 -4.30 25.68 -6.51
CA ILE B 86 -3.11 25.31 -7.23
C ILE B 86 -2.32 24.26 -6.45
N PHE B 87 -2.01 23.17 -7.14
CA PHE B 87 -1.22 22.11 -6.55
C PHE B 87 0.16 22.57 -6.92
N PHE B 88 1.08 22.63 -5.98
CA PHE B 88 2.41 23.10 -6.34
C PHE B 88 3.57 22.41 -5.66
N ILE B 89 4.76 22.63 -6.20
CA ILE B 89 5.98 22.06 -5.66
C ILE B 89 6.96 23.19 -5.36
N ALA B 90 7.39 23.31 -4.11
CA ALA B 90 8.29 24.39 -3.71
C ALA B 90 9.41 23.95 -2.80
N PRO B 91 10.37 24.85 -2.50
CA PRO B 91 11.50 24.50 -1.61
C PRO B 91 10.94 24.26 -0.21
N GLU B 92 11.55 23.37 0.56
CA GLU B 92 11.02 23.08 1.89
C GLU B 92 10.88 24.26 2.84
N ASP B 93 11.56 25.37 2.56
CA ASP B 93 11.48 26.56 3.40
C ASP B 93 10.30 27.44 3.00
N THR B 94 9.59 27.04 1.94
CA THR B 94 8.45 27.79 1.43
C THR B 94 7.42 28.27 2.44
N GLN B 95 6.99 29.52 2.26
CA GLN B 95 5.99 30.17 3.11
C GLN B 95 5.13 31.01 2.16
N ILE B 96 4.02 31.52 2.67
CA ILE B 96 3.15 32.37 1.88
C ILE B 96 3.95 33.66 1.68
N PRO B 97 4.01 34.17 0.44
CA PRO B 97 4.78 35.40 0.20
C PRO B 97 4.51 36.49 1.23
N ALA B 98 5.53 37.30 1.51
CA ALA B 98 5.41 38.38 2.47
C ALA B 98 4.47 39.44 1.95
N GLY B 99 3.44 39.75 2.74
CA GLY B 99 2.46 40.74 2.31
C GLY B 99 1.76 40.30 1.05
N SER B 100 1.24 39.07 1.02
CA SER B 100 0.54 38.57 -0.14
C SER B 100 -0.83 39.20 -0.33
N ILE B 101 -1.20 39.47 -1.57
CA ILE B 101 -2.49 40.08 -1.88
C ILE B 101 -3.46 38.98 -2.28
N GLY B 102 -2.95 37.75 -2.27
CA GLY B 102 -3.78 36.63 -2.66
C GLY B 102 -4.24 36.83 -4.09
N GLY B 103 -5.55 36.93 -4.26
CA GLY B 103 -6.10 37.11 -5.60
C GLY B 103 -5.48 36.16 -6.61
N GLY B 104 -5.16 36.71 -7.79
CA GLY B 104 -4.59 35.91 -8.86
C GLY B 104 -3.19 35.36 -8.67
N THR B 105 -2.65 35.45 -7.45
CA THR B 105 -1.31 34.93 -7.18
C THR B 105 -1.43 33.52 -6.61
N LEU B 106 -2.67 33.15 -6.33
CA LEU B 106 -3.02 31.84 -5.78
C LEU B 106 -2.23 31.51 -4.52
N GLY B 107 -1.69 32.55 -3.89
CA GLY B 107 -0.92 32.36 -2.67
C GLY B 107 0.50 31.83 -2.86
N VAL B 108 1.00 31.78 -4.09
CA VAL B 108 2.36 31.28 -4.29
C VAL B 108 3.29 32.25 -4.98
N SER B 109 2.89 33.51 -5.13
CA SER B 109 3.76 34.49 -5.80
C SER B 109 3.54 35.91 -5.33
N ASP B 110 4.42 36.80 -5.77
CA ASP B 110 4.29 38.20 -5.40
C ASP B 110 3.30 38.82 -6.35
N THR B 111 3.22 40.15 -6.32
CA THR B 111 2.29 40.87 -7.17
C THR B 111 2.64 40.71 -8.64
N LYS B 112 3.92 40.81 -8.95
CA LYS B 112 4.38 40.65 -10.33
C LYS B 112 3.91 39.30 -10.85
N GLY B 113 3.71 38.36 -9.93
CA GLY B 113 3.24 37.04 -10.31
C GLY B 113 4.34 36.00 -10.33
N ALA B 114 5.51 36.38 -9.83
CA ALA B 114 6.63 35.45 -9.83
C ALA B 114 6.87 34.87 -8.43
N GLY B 115 7.65 33.79 -8.40
CA GLY B 115 7.95 33.14 -7.14
C GLY B 115 8.77 31.90 -7.43
N HIS B 116 9.20 31.20 -6.38
CA HIS B 116 9.98 29.99 -6.54
C HIS B 116 9.05 28.78 -6.35
N PHE B 117 8.68 28.12 -7.44
CA PHE B 117 7.78 26.97 -7.39
C PHE B 117 7.41 26.40 -8.77
N VAL B 118 6.67 25.30 -8.74
CA VAL B 118 6.15 24.63 -9.93
C VAL B 118 4.72 24.25 -9.55
N GLY B 119 3.78 24.36 -10.46
CA GLY B 119 2.42 24.01 -10.09
C GLY B 119 1.40 23.87 -11.20
N VAL B 120 0.30 23.20 -10.86
CA VAL B 120 -0.83 22.97 -11.74
C VAL B 120 -1.91 23.83 -11.10
N GLU B 121 -2.36 24.86 -11.80
CA GLU B 121 -3.37 25.76 -11.25
C GLU B 121 -4.74 25.57 -11.85
N PHE B 122 -5.73 25.86 -11.03
CA PHE B 122 -7.13 25.76 -11.42
C PHE B 122 -7.70 27.15 -11.23
N ASP B 123 -7.68 27.92 -12.31
CA ASP B 123 -8.11 29.30 -12.31
C ASP B 123 -9.59 29.56 -12.59
N THR B 124 -10.22 30.33 -11.69
CA THR B 124 -11.62 30.65 -11.84
C THR B 124 -11.83 32.15 -12.05
N TYR B 125 -10.76 32.85 -12.37
CA TYR B 125 -10.84 34.30 -12.61
C TYR B 125 -9.74 34.80 -13.56
N SER B 126 -10.15 35.37 -14.68
CA SER B 126 -9.21 35.86 -15.68
C SER B 126 -8.41 37.10 -15.30
N ASN B 127 -7.24 36.90 -14.69
CA ASN B 127 -6.38 38.02 -14.30
C ASN B 127 -5.57 38.46 -15.52
N SER B 128 -5.97 39.59 -16.10
CA SER B 128 -5.28 40.12 -17.27
C SER B 128 -3.84 40.52 -16.99
N GLU B 129 -3.53 40.80 -15.73
CA GLU B 129 -2.18 41.20 -15.37
C GLU B 129 -1.22 40.02 -15.43
N TYR B 130 -1.76 38.80 -15.42
CA TYR B 130 -0.91 37.61 -15.49
C TYR B 130 -1.17 36.86 -16.80
N ASN B 131 -1.57 37.60 -17.83
CA ASN B 131 -1.86 37.05 -19.15
C ASN B 131 -2.75 35.81 -19.06
N ASP B 132 -3.83 35.94 -18.31
CA ASP B 132 -4.77 34.85 -18.11
C ASP B 132 -5.76 34.67 -19.25
N PRO B 133 -6.05 33.42 -19.61
CA PRO B 133 -7.00 33.15 -20.68
C PRO B 133 -8.34 33.79 -20.29
N PRO B 134 -9.22 34.03 -21.27
CA PRO B 134 -10.51 34.63 -20.98
C PRO B 134 -11.50 33.80 -20.16
N THR B 135 -11.39 32.48 -20.23
CA THR B 135 -12.32 31.61 -19.51
C THR B 135 -11.60 30.87 -18.38
N ASP B 136 -12.33 30.08 -17.60
CA ASP B 136 -11.69 29.31 -16.53
C ASP B 136 -10.64 28.43 -17.20
N HIS B 137 -9.66 27.97 -16.44
CA HIS B 137 -8.63 27.14 -17.07
C HIS B 137 -7.73 26.37 -16.14
N VAL B 138 -6.92 25.50 -16.74
CA VAL B 138 -5.94 24.71 -16.01
C VAL B 138 -4.60 25.10 -16.61
N GLY B 139 -3.63 25.40 -15.75
CA GLY B 139 -2.34 25.79 -16.25
C GLY B 139 -1.16 25.14 -15.56
N ILE B 140 -0.04 25.13 -16.25
CA ILE B 140 1.19 24.56 -15.74
C ILE B 140 2.01 25.79 -15.42
N ASP B 141 2.40 25.95 -14.15
CA ASP B 141 3.17 27.10 -13.73
C ASP B 141 4.59 26.79 -13.29
N VAL B 142 5.52 27.66 -13.69
CA VAL B 142 6.94 27.54 -13.36
C VAL B 142 7.50 28.89 -12.96
N ASN B 143 7.63 29.11 -11.65
CA ASN B 143 8.16 30.36 -11.12
C ASN B 143 7.28 31.55 -11.47
N SER B 144 6.06 31.27 -11.92
CA SER B 144 5.16 32.35 -12.31
C SER B 144 3.71 31.90 -12.46
N VAL B 145 2.77 32.80 -12.14
CA VAL B 145 1.35 32.50 -12.28
C VAL B 145 0.90 32.83 -13.69
N ASP B 146 1.87 33.26 -14.52
CA ASP B 146 1.62 33.53 -15.93
C ASP B 146 2.02 32.18 -16.54
N SER B 147 1.09 31.24 -16.45
CA SER B 147 1.26 29.87 -16.94
C SER B 147 2.11 29.71 -18.20
N VAL B 148 2.95 28.68 -18.19
CA VAL B 148 3.79 28.35 -19.33
C VAL B 148 2.87 27.75 -20.39
N LYS B 149 1.76 27.20 -19.93
CA LYS B 149 0.75 26.59 -20.79
C LYS B 149 -0.56 26.48 -20.02
N THR B 150 -1.68 26.61 -20.70
CA THR B 150 -3.00 26.51 -20.07
C THR B 150 -3.94 25.82 -21.04
N VAL B 151 -5.05 25.33 -20.53
CA VAL B 151 -6.06 24.66 -21.33
C VAL B 151 -7.44 25.05 -20.81
N PRO B 152 -8.40 25.32 -21.71
CA PRO B 152 -9.75 25.70 -21.29
C PRO B 152 -10.39 24.63 -20.42
N TRP B 153 -11.10 25.07 -19.39
CA TRP B 153 -11.77 24.20 -18.44
C TRP B 153 -12.89 25.02 -17.82
N ASN B 154 -13.72 24.39 -16.99
CA ASN B 154 -14.81 25.10 -16.33
C ASN B 154 -15.03 24.57 -14.93
N SER B 155 -15.06 25.48 -13.96
CA SER B 155 -15.27 25.09 -12.57
C SER B 155 -16.76 25.18 -12.25
N VAL B 156 -17.39 24.02 -12.04
CA VAL B 156 -18.81 23.97 -11.72
C VAL B 156 -18.98 24.15 -10.20
N SER B 157 -19.75 25.14 -9.80
CA SER B 157 -19.96 25.37 -8.39
C SER B 157 -20.54 24.15 -7.68
N GLY B 158 -19.88 23.74 -6.60
CA GLY B 158 -20.34 22.59 -5.83
C GLY B 158 -19.99 21.23 -6.41
N ALA B 159 -19.21 21.23 -7.49
CA ALA B 159 -18.80 20.00 -8.13
C ALA B 159 -17.50 19.46 -7.53
N VAL B 160 -17.37 18.15 -7.54
CA VAL B 160 -16.17 17.52 -7.02
C VAL B 160 -15.31 17.13 -8.22
N VAL B 161 -14.09 17.64 -8.25
CA VAL B 161 -13.19 17.35 -9.33
C VAL B 161 -12.17 16.28 -8.95
N LYS B 162 -11.78 15.48 -9.94
CA LYS B 162 -10.80 14.43 -9.70
C LYS B 162 -9.58 14.78 -10.53
N VAL B 163 -8.41 14.79 -9.91
CA VAL B 163 -7.20 15.10 -10.67
C VAL B 163 -6.12 14.05 -10.50
N THR B 164 -5.38 13.79 -11.57
CA THR B 164 -4.29 12.84 -11.51
C THR B 164 -3.06 13.45 -12.19
N VAL B 165 -1.95 13.48 -11.47
CA VAL B 165 -0.73 14.03 -12.03
C VAL B 165 0.38 12.99 -12.06
N ILE B 166 1.08 12.94 -13.19
CA ILE B 166 2.19 12.02 -13.36
C ILE B 166 3.46 12.76 -13.81
N TYR B 167 4.54 12.62 -13.04
CA TYR B 167 5.78 13.22 -13.47
C TYR B 167 6.74 12.11 -13.80
N ASP B 168 7.27 12.17 -15.01
CA ASP B 168 8.22 11.18 -15.48
C ASP B 168 9.58 11.87 -15.57
N SER B 169 10.53 11.41 -14.76
CA SER B 169 11.87 12.00 -14.75
C SER B 169 12.59 11.89 -16.08
N SER B 170 12.60 10.69 -16.66
CA SER B 170 13.26 10.45 -17.93
C SER B 170 12.97 11.51 -18.99
N THR B 171 11.73 11.98 -19.05
CA THR B 171 11.37 12.97 -20.06
C THR B 171 11.04 14.33 -19.46
N LYS B 172 11.06 14.44 -18.14
CA LYS B 172 10.76 15.69 -17.46
C LYS B 172 9.35 16.13 -17.83
N THR B 173 8.50 15.15 -18.11
CA THR B 173 7.13 15.44 -18.50
C THR B 173 6.20 15.48 -17.30
N LEU B 174 5.34 16.49 -17.25
CA LEU B 174 4.38 16.62 -16.16
C LEU B 174 3.00 16.48 -16.80
N SER B 175 2.31 15.38 -16.48
CA SER B 175 0.98 15.13 -17.06
C SER B 175 -0.12 15.35 -16.07
N VAL B 176 -1.24 15.90 -16.55
CA VAL B 176 -2.39 16.17 -15.72
C VAL B 176 -3.69 15.76 -16.39
N ALA B 177 -4.45 14.89 -15.74
CA ALA B 177 -5.75 14.47 -16.26
C ALA B 177 -6.76 14.99 -15.25
N VAL B 178 -7.70 15.79 -15.72
CA VAL B 178 -8.73 16.36 -14.87
C VAL B 178 -10.06 15.80 -15.28
N THR B 179 -10.79 15.24 -14.33
CA THR B 179 -12.10 14.68 -14.63
C THR B 179 -13.19 15.52 -14.01
N ASN B 180 -13.98 16.16 -14.87
CA ASN B 180 -15.06 17.01 -14.45
C ASN B 180 -16.28 16.26 -13.91
N ASP B 181 -17.27 17.03 -13.50
CA ASP B 181 -18.51 16.52 -12.94
C ASP B 181 -19.20 15.57 -13.91
N ASN B 182 -19.31 16.00 -15.16
CA ASN B 182 -19.96 15.25 -16.23
C ASN B 182 -19.14 14.13 -16.88
N GLY B 183 -18.18 13.56 -16.15
CA GLY B 183 -17.37 12.49 -16.69
C GLY B 183 -16.44 12.81 -17.84
N ASP B 184 -16.38 14.09 -18.22
CA ASP B 184 -15.50 14.52 -19.31
C ASP B 184 -14.09 14.79 -18.78
N ILE B 185 -13.06 14.23 -19.39
CA ILE B 185 -11.69 14.52 -18.94
C ILE B 185 -11.16 15.73 -19.70
N THR B 186 -10.11 16.31 -19.13
CA THR B 186 -9.45 17.47 -19.70
C THR B 186 -7.99 17.18 -19.40
N THR B 187 -7.08 17.49 -20.31
CA THR B 187 -5.67 17.21 -20.04
C THR B 187 -4.68 18.23 -20.55
N ILE B 188 -3.58 18.34 -19.82
CA ILE B 188 -2.51 19.24 -20.20
C ILE B 188 -1.18 18.65 -19.71
N ALA B 189 -0.23 18.54 -20.63
CA ALA B 189 1.09 18.03 -20.32
C ALA B 189 2.12 19.13 -20.62
N GLN B 190 3.32 18.99 -20.08
CA GLN B 190 4.35 19.99 -20.30
C GLN B 190 5.68 19.51 -19.75
N VAL B 191 6.74 19.76 -20.51
CA VAL B 191 8.08 19.36 -20.11
C VAL B 191 8.64 20.43 -19.17
N VAL B 192 8.76 20.05 -17.90
CA VAL B 192 9.29 20.94 -16.88
C VAL B 192 10.46 20.23 -16.25
N ASP B 193 11.62 20.86 -16.27
CA ASP B 193 12.80 20.25 -15.69
C ASP B 193 12.91 20.65 -14.22
N LEU B 194 12.43 19.78 -13.33
CA LEU B 194 12.44 20.06 -11.89
C LEU B 194 13.82 20.23 -11.26
N LYS B 195 14.79 19.45 -11.73
CA LYS B 195 16.16 19.52 -11.22
C LYS B 195 16.79 20.87 -11.55
N ALA B 196 16.24 21.53 -12.56
CA ALA B 196 16.72 22.82 -13.00
C ALA B 196 15.97 23.95 -12.30
N LYS B 197 14.72 23.69 -11.93
CA LYS B 197 13.89 24.71 -11.33
C LYS B 197 13.72 24.69 -9.82
N LEU B 198 14.01 23.57 -9.16
CA LEU B 198 13.84 23.48 -7.70
C LEU B 198 15.02 22.80 -7.02
N PRO B 199 15.16 23.01 -5.70
CA PRO B 199 16.27 22.38 -4.96
C PRO B 199 16.06 20.87 -4.84
N GLU B 200 17.08 20.19 -4.33
CA GLU B 200 17.03 18.74 -4.17
C GLU B 200 15.87 18.31 -3.28
N ARG B 201 15.58 19.11 -2.26
CA ARG B 201 14.49 18.80 -1.34
C ARG B 201 13.35 19.81 -1.45
N VAL B 202 12.12 19.30 -1.50
CA VAL B 202 10.95 20.18 -1.64
C VAL B 202 9.76 19.72 -0.82
N LYS B 203 8.66 20.46 -0.96
CA LYS B 203 7.41 20.14 -0.29
C LYS B 203 6.30 20.24 -1.33
N PHE B 204 5.29 19.39 -1.20
CA PHE B 204 4.17 19.44 -2.13
C PHE B 204 2.99 19.95 -1.33
N GLY B 205 2.03 20.57 -2.00
CA GLY B 205 0.87 21.06 -1.29
C GLY B 205 -0.19 21.77 -2.11
N PHE B 206 -1.13 22.39 -1.43
CA PHE B 206 -2.19 23.10 -2.11
C PHE B 206 -2.32 24.50 -1.55
N SER B 207 -2.65 25.45 -2.43
CA SER B 207 -2.84 26.83 -2.04
C SER B 207 -4.06 27.42 -2.74
N ALA B 208 -4.83 28.20 -2.01
CA ALA B 208 -6.01 28.86 -2.55
C ALA B 208 -5.97 30.28 -2.03
N SER B 209 -6.61 31.19 -2.75
CA SER B 209 -6.62 32.60 -2.36
C SER B 209 -7.82 33.36 -2.91
N GLY B 210 -8.10 34.50 -2.27
CA GLY B 210 -9.19 35.36 -2.69
C GLY B 210 -8.70 36.80 -2.57
N SER B 211 -9.62 37.74 -2.44
CA SER B 211 -9.26 39.15 -2.34
C SER B 211 -10.37 39.98 -1.68
N LEU B 212 -10.58 41.20 -2.21
CA LEU B 212 -11.61 42.07 -1.66
C LEU B 212 -12.98 41.59 -2.07
N GLY B 213 -13.27 41.68 -3.37
CA GLY B 213 -14.56 41.25 -3.89
C GLY B 213 -14.58 39.82 -4.43
N GLY B 214 -13.42 39.20 -4.54
CA GLY B 214 -13.36 37.83 -5.02
C GLY B 214 -13.16 36.82 -3.89
N ARG B 215 -14.16 36.00 -3.64
CA ARG B 215 -14.07 34.99 -2.58
C ARG B 215 -14.90 33.76 -2.93
N GLN B 216 -14.53 32.62 -2.37
CA GLN B 216 -15.25 31.38 -2.61
C GLN B 216 -14.71 30.29 -1.71
N ILE B 217 -15.44 29.20 -1.62
CA ILE B 217 -15.04 28.07 -0.80
C ILE B 217 -14.04 27.26 -1.60
N HIS B 218 -12.95 26.87 -0.96
CA HIS B 218 -11.93 26.08 -1.62
C HIS B 218 -11.70 24.87 -0.73
N LEU B 219 -12.19 23.72 -1.18
CA LEU B 219 -12.05 22.51 -0.40
C LEU B 219 -11.15 21.47 -1.05
N ILE B 220 -10.25 20.91 -0.27
CA ILE B 220 -9.36 19.86 -0.75
C ILE B 220 -9.91 18.64 -0.03
N ARG B 221 -10.45 17.69 -0.78
CA ARG B 221 -11.06 16.52 -0.17
C ARG B 221 -10.20 15.26 0.01
N SER B 222 -9.34 14.94 -0.95
CA SER B 222 -8.51 13.75 -0.79
C SER B 222 -7.18 13.93 -1.48
N TRP B 223 -6.20 13.11 -1.12
CA TRP B 223 -4.88 13.20 -1.71
C TRP B 223 -4.01 11.98 -1.42
N SER B 224 -3.61 11.29 -2.46
CA SER B 224 -2.73 10.11 -2.34
C SER B 224 -1.47 10.47 -3.12
N PHE B 225 -0.32 10.04 -2.65
CA PHE B 225 0.91 10.41 -3.33
C PHE B 225 2.05 9.42 -3.15
N THR B 226 2.85 9.27 -4.19
CA THR B 226 4.00 8.38 -4.15
C THR B 226 5.12 8.91 -5.05
N SER B 227 6.32 8.97 -4.48
CA SER B 227 7.46 9.45 -5.21
C SER B 227 8.63 8.48 -5.06
N THR B 228 9.37 8.25 -6.15
CA THR B 228 10.49 7.34 -6.06
C THR B 228 11.73 7.86 -6.77
N LEU B 229 12.81 7.97 -5.99
CA LEU B 229 14.10 8.42 -6.47
C LEU B 229 15.03 7.22 -6.52
N ILE B 230 15.56 6.93 -7.70
CA ILE B 230 16.50 5.83 -7.86
C ILE B 230 17.83 6.28 -7.29
N THR B 231 18.45 5.41 -6.51
CA THR B 231 19.72 5.71 -5.87
C THR B 231 20.86 4.80 -6.32
N THR B 232 20.65 4.08 -7.42
CA THR B 232 21.67 3.16 -7.94
C THR B 232 22.06 3.42 -9.39
N ALA C 1 -18.84 17.87 -26.55
CA ALA C 1 -17.66 16.97 -26.60
C ALA C 1 -18.04 15.50 -26.55
N GLU C 2 -17.28 14.68 -27.28
CA GLU C 2 -17.51 13.24 -27.35
C GLU C 2 -16.70 12.50 -26.27
N THR C 3 -17.38 11.80 -25.38
CA THR C 3 -16.73 11.08 -24.30
C THR C 3 -17.13 9.59 -24.21
N VAL C 4 -16.23 8.77 -23.69
CA VAL C 4 -16.49 7.35 -23.54
C VAL C 4 -15.88 6.87 -22.23
N SER C 5 -16.73 6.60 -21.24
CA SER C 5 -16.24 6.14 -19.96
C SER C 5 -16.92 4.86 -19.50
N PHE C 6 -16.11 3.93 -19.01
CA PHE C 6 -16.62 2.67 -18.51
C PHE C 6 -15.69 2.21 -17.41
N ASN C 7 -16.17 1.28 -16.59
CA ASN C 7 -15.40 0.77 -15.47
C ASN C 7 -15.74 -0.69 -15.18
N PHE C 8 -14.71 -1.52 -15.04
CA PHE C 8 -14.89 -2.94 -14.77
C PHE C 8 -14.28 -3.32 -13.42
N ASN C 9 -15.12 -3.73 -12.48
CA ASN C 9 -14.68 -4.15 -11.15
C ASN C 9 -14.32 -5.63 -11.22
N SER C 10 -15.00 -6.33 -12.12
CA SER C 10 -14.78 -7.76 -12.34
C SER C 10 -15.40 -8.08 -13.70
N PHE C 11 -14.91 -9.14 -14.36
CA PHE C 11 -15.42 -9.50 -15.67
C PHE C 11 -16.22 -10.80 -15.69
N SER C 12 -16.92 -11.02 -16.79
CA SER C 12 -17.74 -12.22 -16.97
C SER C 12 -17.78 -12.50 -18.47
N GLU C 13 -17.25 -13.66 -18.89
CA GLU C 13 -17.23 -14.01 -20.31
C GLU C 13 -18.62 -14.27 -20.88
N GLY C 14 -19.61 -13.58 -20.32
CA GLY C 14 -20.98 -13.70 -20.77
C GLY C 14 -21.51 -12.29 -20.89
N ASN C 15 -20.58 -11.33 -20.91
CA ASN C 15 -20.87 -9.91 -21.00
C ASN C 15 -20.61 -9.41 -22.43
N PRO C 16 -21.61 -8.80 -23.07
CA PRO C 16 -21.49 -8.27 -24.44
C PRO C 16 -20.46 -7.17 -24.63
N ALA C 17 -20.21 -6.42 -23.56
CA ALA C 17 -19.27 -5.29 -23.61
C ALA C 17 -17.84 -5.69 -23.86
N ILE C 18 -17.54 -6.98 -23.93
CA ILE C 18 -16.17 -7.40 -24.17
C ILE C 18 -15.95 -8.54 -25.15
N ASN C 19 -14.95 -8.38 -25.99
CA ASN C 19 -14.59 -9.40 -26.97
C ASN C 19 -13.49 -10.25 -26.38
N PHE C 20 -13.62 -11.56 -26.54
CA PHE C 20 -12.63 -12.48 -26.02
C PHE C 20 -11.97 -13.23 -27.17
N GLN C 21 -10.65 -13.13 -27.25
CA GLN C 21 -9.92 -13.81 -28.32
C GLN C 21 -8.85 -14.72 -27.74
N GLY C 22 -8.48 -15.74 -28.49
CA GLY C 22 -7.47 -16.68 -28.03
C GLY C 22 -7.94 -17.62 -26.94
N ASP C 23 -7.05 -17.92 -26.00
CA ASP C 23 -7.39 -18.84 -24.91
C ASP C 23 -7.82 -18.11 -23.64
N VAL C 24 -8.38 -16.91 -23.79
CA VAL C 24 -8.83 -16.14 -22.65
C VAL C 24 -9.96 -16.87 -21.95
N THR C 25 -9.96 -16.78 -20.63
CA THR C 25 -10.94 -17.41 -19.78
C THR C 25 -11.29 -16.48 -18.64
N VAL C 26 -12.49 -16.59 -18.09
CA VAL C 26 -12.87 -15.73 -16.98
C VAL C 26 -13.19 -16.56 -15.74
N LEU C 27 -12.22 -16.61 -14.85
CA LEU C 27 -12.31 -17.37 -13.60
C LEU C 27 -13.46 -16.93 -12.70
N SER C 28 -14.03 -17.89 -11.98
CA SER C 28 -15.16 -17.66 -11.08
C SER C 28 -15.07 -16.43 -10.20
N ASN C 29 -13.85 -15.94 -9.98
CA ASN C 29 -13.64 -14.77 -9.15
C ASN C 29 -13.70 -13.46 -9.95
N GLY C 30 -14.18 -13.54 -11.19
CA GLY C 30 -14.28 -12.37 -12.04
C GLY C 30 -13.03 -12.01 -12.82
N ASN C 31 -11.92 -12.66 -12.50
CA ASN C 31 -10.65 -12.40 -13.16
C ASN C 31 -10.55 -12.85 -14.61
N ILE C 32 -9.90 -12.03 -15.42
CA ILE C 32 -9.69 -12.41 -16.80
C ILE C 32 -8.35 -13.14 -16.79
N GLN C 33 -8.28 -14.31 -17.44
CA GLN C 33 -7.04 -15.06 -17.52
C GLN C 33 -6.71 -15.19 -18.99
N LEU C 34 -5.67 -14.48 -19.42
CA LEU C 34 -5.26 -14.44 -20.82
C LEU C 34 -4.71 -15.71 -21.44
N THR C 35 -3.76 -16.35 -20.77
CA THR C 35 -3.17 -17.56 -21.33
C THR C 35 -3.66 -18.82 -20.65
N ASN C 36 -3.66 -19.91 -21.42
CA ASN C 36 -4.04 -21.23 -20.92
C ASN C 36 -2.72 -21.85 -20.48
N LEU C 37 -2.64 -22.16 -19.19
CA LEU C 37 -1.43 -22.71 -18.61
C LEU C 37 -1.06 -24.08 -19.16
N ASN C 38 -2.05 -24.79 -19.70
CA ASN C 38 -1.85 -26.13 -20.26
C ASN C 38 -1.40 -26.11 -21.71
N LYS C 39 -1.84 -25.11 -22.47
CA LYS C 39 -1.51 -24.98 -23.89
C LYS C 39 -0.09 -24.49 -24.19
N VAL C 40 0.34 -24.73 -25.43
CA VAL C 40 1.65 -24.32 -25.90
C VAL C 40 1.47 -23.09 -26.78
N ASN C 41 2.37 -22.11 -26.65
CA ASN C 41 2.27 -20.87 -27.42
C ASN C 41 0.87 -20.31 -27.26
N SER C 42 0.37 -20.37 -26.02
CA SER C 42 -0.95 -19.87 -25.71
C SER C 42 -1.02 -18.37 -25.87
N VAL C 43 -2.06 -17.91 -26.57
CA VAL C 43 -2.28 -16.48 -26.78
C VAL C 43 -3.72 -16.16 -26.36
N GLY C 44 -3.85 -15.14 -25.53
CA GLY C 44 -5.16 -14.74 -25.07
C GLY C 44 -5.24 -13.23 -25.12
N ARG C 45 -6.41 -12.73 -25.49
CA ARG C 45 -6.59 -11.29 -25.59
C ARG C 45 -8.01 -10.85 -25.25
N VAL C 46 -8.13 -9.60 -24.83
CA VAL C 46 -9.41 -9.04 -24.49
C VAL C 46 -9.47 -7.64 -25.08
N LEU C 47 -10.65 -7.27 -25.57
CA LEU C 47 -10.85 -5.95 -26.16
C LEU C 47 -12.21 -5.45 -25.69
N TYR C 48 -12.35 -4.13 -25.60
CA TYR C 48 -13.63 -3.55 -25.22
C TYR C 48 -14.44 -3.70 -26.51
N ALA C 49 -15.65 -4.25 -26.39
CA ALA C 49 -16.51 -4.50 -27.55
C ALA C 49 -16.79 -3.35 -28.54
N MET C 50 -17.09 -2.17 -28.02
CA MET C 50 -17.40 -1.00 -28.85
C MET C 50 -16.17 -0.17 -29.22
N PRO C 51 -15.95 0.07 -30.53
CA PRO C 51 -14.78 0.87 -30.93
C PRO C 51 -14.82 2.29 -30.39
N VAL C 52 -13.65 2.88 -30.19
CA VAL C 52 -13.54 4.23 -29.69
C VAL C 52 -12.93 5.12 -30.77
N ARG C 53 -13.60 6.23 -31.03
CA ARG C 53 -13.18 7.20 -32.05
C ARG C 53 -12.10 8.12 -31.49
N ILE C 54 -10.84 7.73 -31.61
CA ILE C 54 -9.73 8.54 -31.09
C ILE C 54 -9.33 9.79 -31.86
N TRP C 55 -9.81 9.97 -33.08
CA TRP C 55 -9.52 11.17 -33.87
C TRP C 55 -10.46 11.37 -35.04
N SER C 56 -10.56 12.62 -35.50
CA SER C 56 -11.45 12.98 -36.60
C SER C 56 -10.74 13.37 -37.89
N SER C 57 -11.21 12.81 -39.00
CA SER C 57 -10.65 13.12 -40.32
C SER C 57 -11.33 14.40 -40.83
N ALA C 58 -12.37 14.81 -40.11
CA ALA C 58 -13.13 16.00 -40.43
C ALA C 58 -12.57 17.23 -39.69
N THR C 59 -12.29 17.08 -38.39
CA THR C 59 -11.76 18.19 -37.60
C THR C 59 -10.24 18.07 -37.37
N GLY C 60 -9.74 16.84 -37.35
CA GLY C 60 -8.33 16.62 -37.14
C GLY C 60 -7.97 16.59 -35.67
N ASN C 61 -8.99 16.63 -34.81
CA ASN C 61 -8.77 16.62 -33.37
C ASN C 61 -8.43 15.21 -32.90
N VAL C 62 -7.59 15.13 -31.89
CA VAL C 62 -7.20 13.85 -31.32
C VAL C 62 -7.78 13.85 -29.90
N ALA C 63 -8.21 12.69 -29.42
CA ALA C 63 -8.80 12.62 -28.10
C ALA C 63 -7.78 12.33 -27.01
N SER C 64 -7.99 12.92 -25.84
CA SER C 64 -7.11 12.66 -24.70
C SER C 64 -7.76 11.57 -23.88
N PHE C 65 -7.00 10.86 -23.06
CA PHE C 65 -7.63 9.85 -22.25
C PHE C 65 -6.88 9.49 -20.98
N LEU C 66 -7.64 8.94 -20.03
CA LEU C 66 -7.13 8.54 -18.73
C LEU C 66 -7.73 7.17 -18.43
N THR C 67 -6.90 6.15 -18.43
CA THR C 67 -7.35 4.80 -18.16
C THR C 67 -6.41 4.15 -17.16
N SER C 68 -6.96 3.38 -16.23
CA SER C 68 -6.13 2.69 -15.25
C SER C 68 -6.62 1.27 -15.07
N PHE C 69 -5.72 0.38 -14.69
CA PHE C 69 -6.06 -1.04 -14.55
C PHE C 69 -5.09 -1.78 -13.65
N SER C 70 -5.56 -2.86 -13.02
CA SER C 70 -4.68 -3.65 -12.17
C SER C 70 -4.62 -5.08 -12.71
N PHE C 71 -3.43 -5.68 -12.64
CA PHE C 71 -3.24 -7.04 -13.15
C PHE C 71 -2.36 -7.84 -12.19
N GLU C 72 -2.26 -9.15 -12.43
CA GLU C 72 -1.40 -10.00 -11.58
C GLU C 72 -0.71 -11.08 -12.40
N MET C 73 0.57 -11.30 -12.12
CA MET C 73 1.34 -12.34 -12.80
C MET C 73 1.95 -13.20 -11.68
N LYS C 74 1.73 -14.52 -11.77
CA LYS C 74 2.26 -15.44 -10.77
C LYS C 74 2.95 -16.65 -11.43
N ASP C 75 4.03 -17.12 -10.80
CA ASP C 75 4.77 -18.25 -11.34
C ASP C 75 4.12 -19.61 -11.12
N ILE C 76 4.73 -20.63 -11.73
CA ILE C 76 4.29 -22.02 -11.64
C ILE C 76 5.49 -22.90 -11.98
N LYS C 77 5.54 -24.10 -11.41
CA LYS C 77 6.63 -25.03 -11.71
C LYS C 77 6.23 -25.80 -12.96
N ASP C 78 7.18 -26.15 -13.83
CA ASP C 78 8.59 -25.83 -13.67
C ASP C 78 8.99 -25.09 -14.93
N TYR C 79 8.10 -24.19 -15.35
CA TYR C 79 8.30 -23.36 -16.55
C TYR C 79 9.00 -22.07 -16.17
N ASP C 80 9.07 -21.14 -17.13
CA ASP C 80 9.69 -19.85 -16.89
C ASP C 80 8.57 -18.81 -16.84
N PRO C 81 8.64 -17.87 -15.88
CA PRO C 81 7.56 -16.88 -15.83
C PRO C 81 7.58 -16.11 -17.14
N ALA C 82 6.60 -16.37 -18.01
CA ALA C 82 6.53 -15.71 -19.30
C ALA C 82 5.14 -15.79 -19.92
N ASP C 83 4.88 -14.94 -20.91
CA ASP C 83 5.85 -13.98 -21.43
C ASP C 83 5.60 -12.54 -20.99
N GLY C 84 4.35 -12.21 -20.72
CA GLY C 84 4.00 -10.87 -20.28
C GLY C 84 2.61 -10.43 -20.68
N ILE C 85 2.24 -9.24 -20.22
CA ILE C 85 0.93 -8.65 -20.52
C ILE C 85 1.16 -7.35 -21.27
N ILE C 86 0.20 -6.95 -22.11
CA ILE C 86 0.36 -5.72 -22.86
C ILE C 86 -0.96 -5.01 -23.14
N PHE C 87 -1.06 -3.77 -22.68
CA PHE C 87 -2.23 -2.94 -22.88
C PHE C 87 -2.03 -2.34 -24.26
N PHE C 88 -2.91 -2.65 -25.20
CA PHE C 88 -2.74 -2.10 -26.53
C PHE C 88 -3.96 -1.43 -27.13
N ILE C 89 -3.71 -0.71 -28.21
CA ILE C 89 -4.72 0.02 -28.95
C ILE C 89 -4.50 -0.44 -30.38
N ALA C 90 -5.57 -0.76 -31.08
CA ALA C 90 -5.45 -1.23 -32.47
C ALA C 90 -6.72 -1.04 -33.30
N PRO C 91 -6.63 -1.37 -34.61
CA PRO C 91 -7.79 -1.24 -35.50
C PRO C 91 -8.93 -2.04 -34.91
N GLU C 92 -10.16 -1.60 -35.18
CA GLU C 92 -11.32 -2.29 -34.64
C GLU C 92 -11.45 -3.73 -35.13
N ASP C 93 -10.84 -4.03 -36.28
CA ASP C 93 -10.91 -5.37 -36.84
C ASP C 93 -9.76 -6.25 -36.38
N THR C 94 -8.97 -5.75 -35.44
CA THR C 94 -7.83 -6.52 -34.96
C THR C 94 -8.19 -7.93 -34.52
N GLN C 95 -7.28 -8.86 -34.81
CA GLN C 95 -7.41 -10.27 -34.47
C GLN C 95 -6.02 -10.76 -34.14
N ILE C 96 -5.91 -11.90 -33.47
CA ILE C 96 -4.61 -12.45 -33.12
C ILE C 96 -3.84 -12.75 -34.40
N PRO C 97 -2.53 -12.45 -34.43
CA PRO C 97 -1.67 -12.69 -35.59
C PRO C 97 -1.81 -14.09 -36.16
N ALA C 98 -1.94 -14.20 -37.48
CA ALA C 98 -2.09 -15.49 -38.13
C ALA C 98 -0.88 -16.36 -37.80
N GLY C 99 -1.17 -17.57 -37.34
CA GLY C 99 -0.11 -18.49 -36.97
C GLY C 99 0.79 -17.82 -35.96
N SER C 100 0.24 -17.56 -34.77
CA SER C 100 0.97 -16.90 -33.71
C SER C 100 1.81 -17.88 -32.88
N ILE C 101 3.10 -17.58 -32.77
CA ILE C 101 4.01 -18.40 -31.99
C ILE C 101 3.99 -17.91 -30.55
N GLY C 102 3.05 -17.01 -30.25
CA GLY C 102 2.93 -16.45 -28.91
C GLY C 102 4.28 -16.01 -28.38
N GLY C 103 4.73 -16.64 -27.31
CA GLY C 103 6.02 -16.32 -26.72
C GLY C 103 6.32 -14.85 -26.55
N GLY C 104 7.49 -14.42 -27.02
CA GLY C 104 7.88 -13.03 -26.89
C GLY C 104 7.15 -12.05 -27.78
N THR C 105 6.07 -12.46 -28.43
CA THR C 105 5.32 -11.57 -29.31
C THR C 105 4.10 -11.02 -28.57
N LEU C 106 3.95 -11.46 -27.32
CA LEU C 106 2.84 -11.03 -26.49
C LEU C 106 1.48 -11.15 -27.21
N GLY C 107 1.45 -11.99 -28.24
CA GLY C 107 0.23 -12.22 -28.98
C GLY C 107 -0.31 -11.05 -29.79
N VAL C 108 0.53 -10.08 -30.10
CA VAL C 108 0.07 -8.93 -30.87
C VAL C 108 0.90 -8.65 -32.13
N SER C 109 2.01 -9.36 -32.29
CA SER C 109 2.86 -9.16 -33.46
C SER C 109 3.14 -10.47 -34.19
N ASP C 110 3.96 -10.39 -35.24
CA ASP C 110 4.31 -11.56 -36.01
C ASP C 110 5.67 -12.05 -35.50
N THR C 111 6.18 -13.12 -36.08
CA THR C 111 7.46 -13.66 -35.65
C THR C 111 8.56 -12.62 -35.69
N LYS C 112 8.49 -11.71 -36.65
CA LYS C 112 9.48 -10.65 -36.77
C LYS C 112 9.27 -9.58 -35.70
N GLY C 113 8.12 -9.64 -35.04
CA GLY C 113 7.80 -8.70 -33.99
C GLY C 113 7.16 -7.41 -34.49
N ALA C 114 6.24 -7.54 -35.45
CA ALA C 114 5.59 -6.37 -36.02
C ALA C 114 4.10 -6.58 -36.24
N GLY C 115 3.32 -5.57 -35.86
CA GLY C 115 1.88 -5.62 -36.03
C GLY C 115 1.34 -4.21 -36.07
N HIS C 116 0.03 -4.08 -36.27
CA HIS C 116 -0.59 -2.75 -36.30
C HIS C 116 -1.21 -2.52 -34.93
N PHE C 117 -0.50 -1.78 -34.08
CA PHE C 117 -0.97 -1.50 -32.73
C PHE C 117 0.00 -0.59 -31.96
N VAL C 118 -0.53 0.07 -30.93
CA VAL C 118 0.27 0.90 -30.06
C VAL C 118 -0.14 0.41 -28.70
N GLY C 119 0.84 0.15 -27.85
CA GLY C 119 0.52 -0.33 -26.52
C GLY C 119 1.63 -0.19 -25.51
N VAL C 120 1.31 -0.59 -24.28
CA VAL C 120 2.25 -0.57 -23.16
C VAL C 120 2.44 -2.01 -22.75
N GLU C 121 3.65 -2.52 -22.90
CA GLU C 121 3.92 -3.91 -22.55
C GLU C 121 4.50 -4.08 -21.14
N PHE C 122 4.27 -5.27 -20.57
CA PHE C 122 4.75 -5.64 -19.25
C PHE C 122 5.54 -6.94 -19.40
N ASP C 123 6.80 -6.79 -19.80
CA ASP C 123 7.72 -7.88 -20.07
C ASP C 123 8.37 -8.61 -18.89
N THR C 124 8.27 -9.93 -18.88
CA THR C 124 8.87 -10.73 -17.82
C THR C 124 10.03 -11.61 -18.32
N TYR C 125 10.24 -11.61 -19.64
CA TYR C 125 11.32 -12.40 -20.25
C TYR C 125 12.12 -11.53 -21.23
N SER C 126 13.43 -11.78 -21.29
CA SER C 126 14.31 -11.01 -22.18
C SER C 126 14.58 -11.62 -23.55
N ASN C 127 13.71 -11.37 -24.52
CA ASN C 127 13.90 -11.89 -25.87
C ASN C 127 14.97 -11.06 -26.55
N SER C 128 16.01 -11.73 -27.04
CA SER C 128 17.10 -11.03 -27.72
C SER C 128 16.71 -10.70 -29.18
N GLU C 129 15.80 -11.50 -29.74
CA GLU C 129 15.36 -11.31 -31.12
C GLU C 129 14.54 -10.04 -31.25
N TYR C 130 14.19 -9.44 -30.12
CA TYR C 130 13.40 -8.22 -30.15
C TYR C 130 14.14 -7.12 -29.41
N ASN C 131 15.44 -7.31 -29.23
CA ASN C 131 16.28 -6.35 -28.53
C ASN C 131 15.67 -5.91 -27.20
N ASP C 132 15.56 -6.87 -26.28
CA ASP C 132 15.00 -6.65 -24.95
C ASP C 132 16.04 -6.31 -23.90
N PRO C 133 15.66 -5.49 -22.91
CA PRO C 133 16.58 -5.13 -21.85
C PRO C 133 16.88 -6.45 -21.14
N PRO C 134 18.05 -6.56 -20.50
CA PRO C 134 18.37 -7.81 -19.81
C PRO C 134 17.43 -8.22 -18.67
N THR C 135 16.66 -7.28 -18.15
CA THR C 135 15.75 -7.58 -17.04
C THR C 135 14.28 -7.38 -17.34
N ASP C 136 13.43 -7.65 -16.35
CA ASP C 136 11.99 -7.46 -16.50
C ASP C 136 11.86 -5.98 -16.88
N HIS C 137 10.79 -5.62 -17.57
CA HIS C 137 10.64 -4.22 -17.93
C HIS C 137 9.26 -3.82 -18.41
N VAL C 138 9.07 -2.50 -18.47
CA VAL C 138 7.83 -1.91 -18.94
C VAL C 138 8.29 -1.18 -20.20
N GLY C 139 7.57 -1.36 -21.30
CA GLY C 139 7.97 -0.70 -22.53
C GLY C 139 6.81 -0.09 -23.28
N ILE C 140 7.13 0.93 -24.08
CA ILE C 140 6.14 1.62 -24.91
C ILE C 140 6.43 1.09 -26.31
N ASP C 141 5.45 0.40 -26.90
CA ASP C 141 5.64 -0.17 -28.23
C ASP C 141 4.72 0.45 -29.27
N VAL C 142 5.26 0.71 -30.46
CA VAL C 142 4.48 1.28 -31.55
C VAL C 142 4.65 0.43 -32.80
N ASN C 143 3.73 -0.51 -33.00
CA ASN C 143 3.76 -1.41 -34.15
C ASN C 143 4.88 -2.43 -34.10
N SER C 144 5.48 -2.61 -32.92
CA SER C 144 6.56 -3.58 -32.75
C SER C 144 6.85 -3.87 -31.29
N VAL C 145 7.23 -5.10 -30.98
CA VAL C 145 7.55 -5.46 -29.61
C VAL C 145 9.00 -5.10 -29.34
N ASP C 146 9.61 -4.39 -30.28
CA ASP C 146 10.98 -3.89 -30.13
C ASP C 146 10.67 -2.46 -29.67
N SER C 147 10.43 -2.33 -28.37
CA SER C 147 10.07 -1.07 -27.70
C SER C 147 10.77 0.22 -28.12
N VAL C 148 9.96 1.27 -28.32
CA VAL C 148 10.50 2.57 -28.66
C VAL C 148 11.38 2.99 -27.49
N LYS C 149 10.89 2.74 -26.29
CA LYS C 149 11.62 3.05 -25.07
C LYS C 149 11.24 2.02 -24.01
N THR C 150 12.06 1.89 -22.97
CA THR C 150 11.77 0.96 -21.89
C THR C 150 12.30 1.49 -20.56
N VAL C 151 11.93 0.81 -19.47
CA VAL C 151 12.37 1.17 -18.14
C VAL C 151 12.49 -0.10 -17.30
N PRO C 152 13.61 -0.26 -16.57
CA PRO C 152 13.83 -1.44 -15.72
C PRO C 152 12.68 -1.56 -14.72
N TRP C 153 12.03 -2.71 -14.73
CA TRP C 153 10.89 -2.98 -13.87
C TRP C 153 11.16 -4.32 -13.17
N ASN C 154 10.17 -4.80 -12.43
CA ASN C 154 10.31 -6.07 -11.73
C ASN C 154 8.94 -6.68 -11.53
N SER C 155 8.71 -7.81 -12.17
CA SER C 155 7.44 -8.52 -12.06
C SER C 155 7.47 -9.45 -10.85
N VAL C 156 6.80 -9.03 -9.78
CA VAL C 156 6.71 -9.81 -8.56
C VAL C 156 5.52 -10.76 -8.63
N SER C 157 5.81 -12.05 -8.58
CA SER C 157 4.78 -13.08 -8.65
C SER C 157 3.72 -12.99 -7.54
N GLY C 158 2.45 -13.12 -7.94
CA GLY C 158 1.37 -13.07 -6.97
C GLY C 158 0.95 -11.68 -6.50
N ALA C 159 1.66 -10.67 -6.97
CA ALA C 159 1.39 -9.28 -6.61
C ALA C 159 0.43 -8.56 -7.56
N VAL C 160 -0.51 -7.82 -6.98
CA VAL C 160 -1.47 -7.03 -7.76
C VAL C 160 -0.80 -5.70 -8.06
N VAL C 161 -0.68 -5.37 -9.33
CA VAL C 161 -0.03 -4.14 -9.77
C VAL C 161 -1.05 -3.16 -10.28
N LYS C 162 -0.91 -1.89 -9.91
CA LYS C 162 -1.83 -0.88 -10.38
C LYS C 162 -1.15 -0.06 -11.49
N VAL C 163 -1.88 0.20 -12.57
CA VAL C 163 -1.31 0.99 -13.67
C VAL C 163 -2.20 2.15 -14.04
N THR C 164 -1.57 3.30 -14.26
CA THR C 164 -2.26 4.52 -14.65
C THR C 164 -1.61 5.07 -15.93
N VAL C 165 -2.42 5.39 -16.92
CA VAL C 165 -1.93 5.90 -18.19
C VAL C 165 -2.64 7.18 -18.61
N ILE C 166 -1.88 8.17 -19.05
CA ILE C 166 -2.47 9.41 -19.50
C ILE C 166 -2.07 9.71 -20.94
N TYR C 167 -3.04 10.08 -21.75
CA TYR C 167 -2.69 10.45 -23.11
C TYR C 167 -3.12 11.89 -23.36
N ASP C 168 -2.14 12.76 -23.53
CA ASP C 168 -2.42 14.17 -23.79
C ASP C 168 -2.35 14.38 -25.29
N SER C 169 -3.50 14.55 -25.94
CA SER C 169 -3.53 14.74 -27.38
C SER C 169 -2.61 15.87 -27.84
N SER C 170 -2.81 17.05 -27.28
CA SER C 170 -2.01 18.21 -27.62
C SER C 170 -0.52 17.90 -27.82
N THR C 171 0.13 17.40 -26.77
CA THR C 171 1.55 17.08 -26.87
C THR C 171 1.82 15.72 -27.47
N LYS C 172 0.77 14.92 -27.67
CA LYS C 172 0.86 13.57 -28.23
C LYS C 172 1.59 12.62 -27.29
N THR C 173 1.76 13.03 -26.03
CA THR C 173 2.47 12.21 -25.06
C THR C 173 1.64 11.11 -24.41
N LEU C 174 2.30 9.99 -24.14
CA LEU C 174 1.69 8.85 -23.48
C LEU C 174 2.51 8.58 -22.22
N SER C 175 1.96 8.97 -21.06
CA SER C 175 2.65 8.78 -19.78
C SER C 175 2.12 7.57 -19.05
N VAL C 176 3.04 6.80 -18.47
CA VAL C 176 2.67 5.60 -17.70
C VAL C 176 3.28 5.52 -16.28
N ALA C 177 2.46 5.17 -15.30
CA ALA C 177 2.93 5.03 -13.92
C ALA C 177 2.49 3.69 -13.39
N VAL C 178 3.46 2.95 -12.87
CA VAL C 178 3.20 1.61 -12.34
C VAL C 178 3.60 1.49 -10.88
N THR C 179 2.70 0.97 -10.06
CA THR C 179 2.96 0.80 -8.64
C THR C 179 3.37 -0.63 -8.34
N ASN C 180 4.55 -0.80 -7.76
CA ASN C 180 5.04 -2.12 -7.41
C ASN C 180 4.55 -2.60 -6.04
N ASP C 181 5.07 -3.75 -5.63
CA ASP C 181 4.72 -4.35 -4.34
C ASP C 181 5.42 -3.54 -3.24
N ASN C 182 6.71 -3.28 -3.43
CA ASN C 182 7.49 -2.51 -2.47
C ASN C 182 6.97 -1.08 -2.33
N GLY C 183 5.81 -0.80 -2.92
CA GLY C 183 5.23 0.54 -2.85
C GLY C 183 5.91 1.59 -3.71
N ASP C 184 7.06 1.26 -4.28
CA ASP C 184 7.77 2.20 -5.14
C ASP C 184 7.05 2.31 -6.48
N ILE C 185 7.28 3.41 -7.20
CA ILE C 185 6.62 3.58 -8.49
C ILE C 185 7.61 3.67 -9.65
N THR C 186 7.13 3.29 -10.82
CA THR C 186 7.92 3.29 -12.03
C THR C 186 7.14 4.04 -13.09
N THR C 187 7.82 4.84 -13.90
CA THR C 187 7.12 5.57 -14.94
C THR C 187 7.89 5.59 -16.24
N ILE C 188 7.16 5.86 -17.30
CA ILE C 188 7.71 5.95 -18.64
C ILE C 188 6.70 6.70 -19.48
N ALA C 189 7.21 7.65 -20.23
CA ALA C 189 6.42 8.48 -21.12
C ALA C 189 7.14 8.46 -22.47
N GLN C 190 6.40 8.76 -23.53
CA GLN C 190 6.95 8.78 -24.88
C GLN C 190 5.90 9.38 -25.80
N VAL C 191 6.34 10.33 -26.62
CA VAL C 191 5.46 10.97 -27.58
C VAL C 191 5.09 9.97 -28.64
N VAL C 192 3.80 9.89 -28.95
CA VAL C 192 3.30 8.98 -29.96
C VAL C 192 2.09 9.61 -30.61
N ASP C 193 2.10 9.69 -31.94
CA ASP C 193 0.99 10.28 -32.67
C ASP C 193 -0.05 9.20 -32.99
N LEU C 194 -1.10 9.10 -32.19
CA LEU C 194 -2.13 8.09 -32.45
C LEU C 194 -2.75 8.33 -33.80
N LYS C 195 -2.92 9.62 -34.13
CA LYS C 195 -3.52 10.01 -35.39
C LYS C 195 -2.76 9.44 -36.59
N ALA C 196 -1.43 9.40 -36.50
CA ALA C 196 -0.59 8.89 -37.59
C ALA C 196 -0.34 7.39 -37.58
N LYS C 197 -0.45 6.77 -36.41
CA LYS C 197 -0.19 5.34 -36.30
C LYS C 197 -1.44 4.46 -36.25
N LEU C 198 -2.58 5.06 -35.93
CA LEU C 198 -3.83 4.28 -35.83
C LEU C 198 -4.98 4.92 -36.59
N PRO C 199 -6.02 4.12 -36.90
CA PRO C 199 -7.21 4.60 -37.62
C PRO C 199 -8.03 5.49 -36.69
N GLU C 200 -9.02 6.18 -37.24
CA GLU C 200 -9.85 7.07 -36.43
C GLU C 200 -10.65 6.25 -35.44
N ARG C 201 -10.97 5.02 -35.81
CA ARG C 201 -11.74 4.10 -34.96
C ARG C 201 -10.82 2.99 -34.48
N VAL C 202 -10.66 2.87 -33.17
CA VAL C 202 -9.78 1.83 -32.65
C VAL C 202 -10.43 1.03 -31.53
N LYS C 203 -9.70 0.03 -31.04
CA LYS C 203 -10.15 -0.80 -29.95
C LYS C 203 -9.02 -0.90 -28.94
N PHE C 204 -9.38 -0.90 -27.67
CA PHE C 204 -8.42 -0.99 -26.59
C PHE C 204 -8.60 -2.34 -25.95
N GLY C 205 -7.50 -2.90 -25.46
CA GLY C 205 -7.55 -4.20 -24.82
C GLY C 205 -6.25 -4.61 -24.15
N PHE C 206 -6.20 -5.91 -23.85
CA PHE C 206 -5.06 -6.56 -23.21
C PHE C 206 -4.80 -7.87 -23.92
N SER C 207 -3.54 -8.30 -23.93
CA SER C 207 -3.15 -9.55 -24.56
C SER C 207 -1.92 -10.11 -23.86
N ALA C 208 -1.79 -11.43 -23.82
CA ALA C 208 -0.65 -12.07 -23.21
C ALA C 208 -0.31 -13.33 -23.99
N SER C 209 0.83 -13.93 -23.68
CA SER C 209 1.27 -15.12 -24.40
C SER C 209 2.34 -15.92 -23.68
N GLY C 210 2.46 -17.19 -24.08
CA GLY C 210 3.45 -18.07 -23.49
C GLY C 210 4.12 -18.86 -24.61
N SER C 211 5.16 -19.63 -24.27
CA SER C 211 5.87 -20.43 -25.27
C SER C 211 5.76 -21.92 -24.95
N LEU C 212 6.87 -22.62 -25.13
CA LEU C 212 6.96 -24.05 -24.87
C LEU C 212 7.25 -24.22 -23.37
N GLY C 213 8.43 -23.78 -22.95
CA GLY C 213 8.83 -23.87 -21.57
C GLY C 213 8.53 -22.60 -20.79
N GLY C 214 8.04 -21.58 -21.51
CA GLY C 214 7.71 -20.31 -20.88
C GLY C 214 6.21 -20.16 -20.66
N ARG C 215 5.81 -20.16 -19.39
CA ARG C 215 4.39 -20.01 -19.03
C ARG C 215 4.24 -19.37 -17.65
N GLN C 216 3.15 -18.62 -17.47
CA GLN C 216 2.86 -17.96 -16.21
C GLN C 216 1.43 -17.46 -16.22
N ILE C 217 0.87 -17.23 -15.03
CA ILE C 217 -0.49 -16.75 -14.89
C ILE C 217 -0.63 -15.25 -15.17
N HIS C 218 -1.49 -14.93 -16.14
CA HIS C 218 -1.75 -13.55 -16.52
C HIS C 218 -3.19 -13.20 -16.16
N LEU C 219 -3.39 -12.33 -15.18
CA LEU C 219 -4.75 -11.98 -14.78
C LEU C 219 -5.05 -10.48 -14.77
N ILE C 220 -6.12 -10.08 -15.45
CA ILE C 220 -6.54 -8.67 -15.48
C ILE C 220 -7.69 -8.56 -14.47
N ARG C 221 -7.49 -7.80 -13.41
CA ARG C 221 -8.49 -7.66 -12.35
C ARG C 221 -9.50 -6.52 -12.50
N SER C 222 -9.02 -5.30 -12.68
CA SER C 222 -9.93 -4.17 -12.83
C SER C 222 -9.50 -3.27 -13.98
N TRP C 223 -10.44 -2.47 -14.48
CA TRP C 223 -10.13 -1.59 -15.60
C TRP C 223 -11.16 -0.46 -15.78
N SER C 224 -10.71 0.77 -15.59
CA SER C 224 -11.57 1.96 -15.76
C SER C 224 -10.93 2.75 -16.90
N PHE C 225 -11.74 3.51 -17.62
CA PHE C 225 -11.25 4.26 -18.76
C PHE C 225 -12.21 5.37 -19.18
N THR C 226 -11.64 6.52 -19.48
CA THR C 226 -12.41 7.69 -19.91
C THR C 226 -11.58 8.42 -20.94
N SER C 227 -12.18 8.71 -22.09
CA SER C 227 -11.49 9.43 -23.16
C SER C 227 -12.42 10.50 -23.71
N THR C 228 -11.87 11.67 -24.02
CA THR C 228 -12.68 12.73 -24.57
C THR C 228 -12.11 13.37 -25.83
N LEU C 229 -12.96 13.47 -26.84
CA LEU C 229 -12.60 14.06 -28.11
C LEU C 229 -13.48 15.28 -28.30
N ILE C 230 -12.85 16.41 -28.59
CA ILE C 230 -13.54 17.67 -28.79
C ILE C 230 -14.06 17.74 -30.23
N THR C 231 -15.30 18.19 -30.38
CA THR C 231 -15.91 18.31 -31.70
C THR C 231 -16.23 19.77 -32.01
N THR C 232 -15.49 20.69 -31.42
CA THR C 232 -15.72 22.12 -31.66
C THR C 232 -14.42 22.91 -31.58
N ALA D 1 11.52 -27.44 22.04
CA ALA D 1 11.88 -26.67 20.82
C ALA D 1 11.13 -27.20 19.60
N GLU D 2 9.89 -27.64 19.81
CA GLU D 2 9.08 -28.18 18.73
C GLU D 2 8.43 -27.07 17.91
N THR D 3 8.82 -26.95 16.65
CA THR D 3 8.28 -25.92 15.76
C THR D 3 7.66 -26.51 14.50
N VAL D 4 6.62 -25.84 14.01
CA VAL D 4 5.92 -26.24 12.79
C VAL D 4 5.78 -24.99 11.91
N SER D 5 6.46 -24.96 10.78
CA SER D 5 6.34 -23.78 9.92
C SER D 5 6.20 -24.13 8.45
N PHE D 6 5.53 -23.24 7.72
CA PHE D 6 5.31 -23.44 6.30
C PHE D 6 4.90 -22.14 5.65
N ASN D 7 4.76 -22.18 4.33
CA ASN D 7 4.37 -21.01 3.56
C ASN D 7 3.78 -21.41 2.21
N PHE D 8 2.59 -20.88 1.92
CA PHE D 8 1.90 -21.14 0.67
C PHE D 8 1.71 -19.82 -0.05
N ASN D 9 2.23 -19.72 -1.26
CA ASN D 9 2.08 -18.52 -2.06
C ASN D 9 0.87 -18.73 -2.95
N SER D 10 0.59 -19.99 -3.24
CA SER D 10 -0.55 -20.36 -4.05
C SER D 10 -0.90 -21.79 -3.67
N PHE D 11 -2.01 -22.30 -4.19
CA PHE D 11 -2.39 -23.65 -3.84
C PHE D 11 -2.68 -24.50 -5.07
N SER D 12 -3.16 -25.71 -4.82
CA SER D 12 -3.50 -26.66 -5.86
C SER D 12 -4.06 -27.88 -5.13
N GLU D 13 -5.26 -28.32 -5.53
CA GLU D 13 -5.89 -29.46 -4.88
C GLU D 13 -5.09 -30.75 -4.99
N GLY D 14 -4.05 -30.72 -5.81
CA GLY D 14 -3.20 -31.89 -5.95
C GLY D 14 -2.42 -32.06 -4.67
N ASN D 15 -1.64 -31.04 -4.30
CA ASN D 15 -0.84 -31.05 -3.09
C ASN D 15 -1.69 -31.49 -1.89
N PRO D 16 -1.39 -32.67 -1.32
CA PRO D 16 -2.08 -33.26 -0.17
C PRO D 16 -1.87 -32.64 1.22
N ALA D 17 -0.94 -31.68 1.32
CA ALA D 17 -0.67 -31.04 2.61
C ALA D 17 -1.85 -30.22 3.09
N ILE D 18 -2.99 -30.34 2.40
CA ILE D 18 -4.18 -29.59 2.76
C ILE D 18 -5.47 -30.36 2.53
N ASN D 19 -6.32 -30.44 3.55
CA ASN D 19 -7.59 -31.14 3.40
C ASN D 19 -8.60 -30.18 2.78
N PHE D 20 -9.42 -30.70 1.88
CA PHE D 20 -10.44 -29.91 1.22
C PHE D 20 -11.80 -30.43 1.60
N GLN D 21 -12.52 -29.65 2.42
CA GLN D 21 -13.85 -30.04 2.86
C GLN D 21 -14.89 -29.08 2.29
N GLY D 22 -16.01 -29.62 1.84
CA GLY D 22 -17.07 -28.77 1.31
C GLY D 22 -16.94 -28.31 -0.13
N ASP D 23 -17.60 -27.21 -0.43
CA ASP D 23 -17.63 -26.66 -1.78
C ASP D 23 -16.38 -25.91 -2.23
N VAL D 24 -15.27 -26.07 -1.52
CA VAL D 24 -14.04 -25.37 -1.87
C VAL D 24 -13.46 -25.90 -3.17
N THR D 25 -13.03 -24.99 -4.01
CA THR D 25 -12.40 -25.33 -5.28
C THR D 25 -11.10 -24.54 -5.31
N VAL D 26 -10.19 -24.89 -6.21
CA VAL D 26 -8.93 -24.16 -6.34
C VAL D 26 -8.80 -23.63 -7.76
N LEU D 27 -8.92 -22.32 -7.91
CA LEU D 27 -8.83 -21.68 -9.22
C LEU D 27 -7.48 -21.85 -9.90
N SER D 28 -7.47 -21.77 -11.22
CA SER D 28 -6.26 -21.94 -12.00
C SER D 28 -5.19 -20.94 -11.65
N ASN D 29 -5.57 -19.89 -10.92
CA ASN D 29 -4.60 -18.88 -10.51
C ASN D 29 -4.01 -19.19 -9.14
N GLY D 30 -4.46 -20.28 -8.53
CA GLY D 30 -3.94 -20.67 -7.24
C GLY D 30 -4.69 -20.10 -6.05
N ASN D 31 -5.92 -19.65 -6.27
CA ASN D 31 -6.72 -19.10 -5.19
C ASN D 31 -7.72 -20.13 -4.70
N ILE D 32 -7.72 -20.35 -3.39
CA ILE D 32 -8.64 -21.31 -2.82
C ILE D 32 -10.01 -20.65 -2.69
N GLN D 33 -10.91 -20.92 -3.62
CA GLN D 33 -12.26 -20.37 -3.56
C GLN D 33 -13.06 -21.27 -2.64
N LEU D 34 -13.48 -20.73 -1.50
CA LEU D 34 -14.20 -21.52 -0.52
C LEU D 34 -15.68 -21.81 -0.76
N THR D 35 -16.41 -20.91 -1.39
CA THR D 35 -17.83 -21.19 -1.63
C THR D 35 -18.18 -21.39 -3.10
N ASN D 36 -19.35 -21.99 -3.33
CA ASN D 36 -19.86 -22.24 -4.66
C ASN D 36 -20.97 -21.22 -4.88
N LEU D 37 -20.75 -20.27 -5.79
CA LEU D 37 -21.73 -19.23 -6.06
C LEU D 37 -23.09 -19.76 -6.52
N ASN D 38 -23.06 -20.89 -7.21
CA ASN D 38 -24.28 -21.49 -7.75
C ASN D 38 -25.00 -22.45 -6.79
N LYS D 39 -24.50 -22.57 -5.56
CA LYS D 39 -25.11 -23.46 -4.57
C LYS D 39 -25.78 -22.72 -3.43
N VAL D 40 -26.76 -23.37 -2.79
CA VAL D 40 -27.47 -22.76 -1.68
C VAL D 40 -26.86 -23.21 -0.36
N ASN D 41 -26.63 -22.27 0.56
CA ASN D 41 -26.05 -22.60 1.84
C ASN D 41 -24.70 -23.28 1.66
N SER D 42 -23.95 -22.84 0.65
CA SER D 42 -22.64 -23.41 0.38
C SER D 42 -21.66 -23.23 1.53
N VAL D 43 -20.77 -24.20 1.69
CA VAL D 43 -19.75 -24.18 2.73
C VAL D 43 -18.48 -24.87 2.24
N GLY D 44 -17.37 -24.17 2.36
CA GLY D 44 -16.10 -24.72 1.93
C GLY D 44 -15.02 -24.37 2.94
N ARG D 45 -14.24 -25.36 3.33
CA ARG D 45 -13.20 -25.12 4.29
C ARG D 45 -11.88 -25.71 3.83
N VAL D 46 -10.81 -25.33 4.52
CA VAL D 46 -9.50 -25.81 4.19
C VAL D 46 -8.70 -25.94 5.49
N LEU D 47 -7.97 -27.04 5.62
CA LEU D 47 -7.18 -27.26 6.82
C LEU D 47 -5.78 -27.73 6.45
N TYR D 48 -4.82 -27.35 7.26
CA TYR D 48 -3.45 -27.76 7.04
C TYR D 48 -3.51 -29.23 7.46
N ALA D 49 -3.15 -30.13 6.55
CA ALA D 49 -3.21 -31.56 6.79
C ALA D 49 -2.54 -32.05 8.07
N MET D 50 -1.35 -31.55 8.34
CA MET D 50 -0.64 -31.98 9.53
C MET D 50 -1.23 -31.37 10.80
N PRO D 51 -1.61 -32.22 11.76
CA PRO D 51 -2.17 -31.70 13.01
C PRO D 51 -1.04 -31.04 13.78
N VAL D 52 -1.34 -29.90 14.39
CA VAL D 52 -0.35 -29.14 15.15
C VAL D 52 -0.53 -29.32 16.64
N ARG D 53 0.56 -29.66 17.31
CA ARG D 53 0.55 -29.84 18.76
C ARG D 53 0.64 -28.44 19.34
N ILE D 54 -0.44 -27.99 19.98
CA ILE D 54 -0.45 -26.65 20.57
C ILE D 54 -0.19 -26.69 22.08
N TRP D 55 -0.13 -27.89 22.63
CA TRP D 55 0.21 -28.05 24.05
C TRP D 55 0.54 -29.48 24.43
N SER D 56 1.54 -29.61 25.29
CA SER D 56 2.00 -30.90 25.78
C SER D 56 1.20 -31.27 27.00
N SER D 57 0.88 -32.55 27.13
CA SER D 57 0.14 -33.04 28.27
C SER D 57 1.20 -33.47 29.26
N ALA D 58 2.44 -33.12 28.95
CA ALA D 58 3.58 -33.46 29.79
C ALA D 58 4.05 -32.25 30.58
N THR D 59 4.54 -31.23 29.86
CA THR D 59 5.05 -30.01 30.47
C THR D 59 3.94 -29.05 30.87
N GLY D 60 2.79 -29.18 30.21
CA GLY D 60 1.66 -28.30 30.48
C GLY D 60 1.88 -27.01 29.72
N ASN D 61 2.89 -27.02 28.86
CA ASN D 61 3.23 -25.85 28.07
C ASN D 61 2.27 -25.68 26.91
N VAL D 62 2.24 -24.46 26.37
CA VAL D 62 1.40 -24.13 25.22
C VAL D 62 2.26 -23.46 24.17
N ALA D 63 1.91 -23.67 22.91
CA ALA D 63 2.68 -23.10 21.82
C ALA D 63 2.32 -21.65 21.50
N SER D 64 3.24 -20.96 20.84
CA SER D 64 3.02 -19.58 20.42
C SER D 64 3.10 -19.61 18.91
N PHE D 65 2.19 -18.91 18.25
CA PHE D 65 2.28 -18.91 16.81
C PHE D 65 2.18 -17.52 16.25
N LEU D 66 2.70 -17.39 15.03
CA LEU D 66 2.71 -16.15 14.26
C LEU D 66 2.27 -16.60 12.89
N THR D 67 1.14 -16.09 12.44
CA THR D 67 0.63 -16.52 11.16
C THR D 67 0.07 -15.32 10.42
N SER D 68 0.26 -15.29 9.10
CA SER D 68 -0.27 -14.19 8.30
C SER D 68 -0.79 -14.77 7.00
N PHE D 69 -1.94 -14.28 6.56
CA PHE D 69 -2.56 -14.77 5.34
C PHE D 69 -3.21 -13.59 4.63
N SER D 70 -3.58 -13.76 3.37
CA SER D 70 -4.21 -12.69 2.62
C SER D 70 -5.44 -13.23 1.90
N PHE D 71 -6.57 -12.55 2.06
CA PHE D 71 -7.81 -12.99 1.43
C PHE D 71 -8.48 -11.92 0.60
N GLU D 72 -9.51 -12.31 -0.12
CA GLU D 72 -10.27 -11.38 -0.94
C GLU D 72 -11.73 -11.78 -0.90
N MET D 73 -12.60 -10.79 -0.93
CA MET D 73 -14.03 -11.04 -0.95
C MET D 73 -14.59 -10.07 -1.96
N LYS D 74 -15.34 -10.59 -2.92
CA LYS D 74 -15.93 -9.74 -3.96
C LYS D 74 -17.40 -10.08 -4.18
N ASP D 75 -18.20 -9.03 -4.35
CA ASP D 75 -19.64 -9.14 -4.57
C ASP D 75 -19.95 -9.82 -5.89
N ILE D 76 -21.23 -10.14 -6.07
CA ILE D 76 -21.73 -10.76 -7.29
C ILE D 76 -23.20 -10.37 -7.42
N LYS D 77 -23.65 -10.21 -8.65
CA LYS D 77 -25.04 -9.88 -8.91
C LYS D 77 -25.74 -11.24 -8.85
N ASP D 78 -26.89 -11.34 -8.18
CA ASP D 78 -27.56 -10.24 -7.48
C ASP D 78 -27.93 -10.76 -6.09
N TYR D 79 -26.90 -11.14 -5.33
CA TYR D 79 -27.09 -11.67 -3.98
C TYR D 79 -26.37 -10.79 -2.97
N ASP D 80 -26.78 -10.88 -1.71
CA ASP D 80 -26.15 -10.09 -0.65
C ASP D 80 -24.75 -10.63 -0.39
N PRO D 81 -23.75 -9.73 -0.37
CA PRO D 81 -22.38 -10.18 -0.12
C PRO D 81 -22.36 -10.80 1.27
N ALA D 82 -22.34 -12.13 1.30
CA ALA D 82 -22.35 -12.84 2.56
C ALA D 82 -21.61 -14.16 2.35
N ASP D 83 -21.18 -14.82 3.44
CA ASP D 83 -21.39 -14.36 4.81
C ASP D 83 -20.09 -13.90 5.50
N GLY D 84 -18.96 -14.37 5.00
CA GLY D 84 -17.69 -14.00 5.57
C GLY D 84 -16.69 -15.14 5.60
N ILE D 85 -15.46 -14.82 6.03
CA ILE D 85 -14.40 -15.81 6.14
C ILE D 85 -13.97 -15.90 7.61
N ILE D 86 -13.56 -17.08 8.05
CA ILE D 86 -13.11 -17.25 9.43
C ILE D 86 -11.89 -18.15 9.50
N PHE D 87 -10.81 -17.60 10.06
CA PHE D 87 -9.58 -18.35 10.24
C PHE D 87 -9.84 -19.07 11.54
N PHE D 88 -9.60 -20.38 11.60
CA PHE D 88 -9.90 -21.07 12.83
C PHE D 88 -9.00 -22.25 13.18
N ILE D 89 -9.05 -22.61 14.47
CA ILE D 89 -8.30 -23.70 15.02
C ILE D 89 -9.33 -24.67 15.59
N ALA D 90 -9.18 -25.96 15.29
CA ALA D 90 -10.13 -26.97 15.76
C ALA D 90 -9.54 -28.36 15.89
N PRO D 91 -10.28 -29.29 16.51
CA PRO D 91 -9.81 -30.68 16.69
C PRO D 91 -9.52 -31.30 15.32
N GLU D 92 -8.43 -32.06 15.24
CA GLU D 92 -8.02 -32.67 13.98
C GLU D 92 -9.07 -33.47 13.22
N ASP D 93 -10.12 -33.91 13.90
CA ASP D 93 -11.17 -34.67 13.24
C ASP D 93 -12.32 -33.76 12.83
N THR D 94 -12.08 -32.45 12.87
CA THR D 94 -13.10 -31.47 12.50
C THR D 94 -13.66 -31.61 11.08
N GLN D 95 -14.98 -31.46 10.97
CA GLN D 95 -15.66 -31.53 9.70
C GLN D 95 -16.78 -30.51 9.76
N ILE D 96 -17.32 -30.18 8.59
CA ILE D 96 -18.43 -29.23 8.54
C ILE D 96 -19.55 -29.84 9.36
N PRO D 97 -20.15 -29.05 10.27
CA PRO D 97 -21.24 -29.58 11.09
C PRO D 97 -22.22 -30.35 10.22
N ALA D 98 -22.86 -31.36 10.80
CA ALA D 98 -23.83 -32.16 10.07
C ALA D 98 -25.06 -31.31 9.65
N GLY D 99 -25.37 -31.35 8.36
CA GLY D 99 -26.50 -30.61 7.83
C GLY D 99 -26.38 -29.11 8.01
N SER D 100 -25.16 -28.61 7.87
CA SER D 100 -24.86 -27.19 7.99
C SER D 100 -25.85 -26.33 7.21
N ILE D 101 -26.17 -25.15 7.74
CA ILE D 101 -27.09 -24.26 7.06
C ILE D 101 -26.35 -23.07 6.48
N GLY D 102 -25.02 -23.17 6.49
CA GLY D 102 -24.17 -22.10 5.96
C GLY D 102 -24.49 -20.75 6.54
N GLY D 103 -24.72 -19.78 5.67
CA GLY D 103 -25.08 -18.45 6.13
C GLY D 103 -24.20 -17.90 7.23
N GLY D 104 -24.83 -17.56 8.36
CA GLY D 104 -24.10 -16.98 9.48
C GLY D 104 -23.26 -17.92 10.33
N THR D 105 -23.49 -19.22 10.22
CA THR D 105 -22.75 -20.20 10.99
C THR D 105 -21.30 -20.21 10.50
N LEU D 106 -21.08 -19.63 9.33
CA LEU D 106 -19.75 -19.56 8.76
C LEU D 106 -19.15 -20.94 8.53
N GLY D 107 -19.98 -21.96 8.67
CA GLY D 107 -19.51 -23.31 8.45
C GLY D 107 -18.69 -23.90 9.58
N VAL D 108 -18.78 -23.31 10.77
CA VAL D 108 -18.03 -23.82 11.91
C VAL D 108 -18.90 -24.15 13.11
N SER D 109 -20.19 -23.87 13.02
CA SER D 109 -21.10 -24.16 14.11
C SER D 109 -22.42 -24.74 13.63
N ASP D 110 -23.31 -25.03 14.57
CA ASP D 110 -24.61 -25.55 14.24
C ASP D 110 -25.54 -24.35 14.21
N THR D 111 -26.83 -24.65 14.08
CA THR D 111 -27.89 -23.65 14.01
C THR D 111 -27.76 -22.55 15.07
N LYS D 112 -27.71 -22.93 16.34
CA LYS D 112 -27.60 -21.95 17.43
C LYS D 112 -26.32 -21.13 17.38
N GLY D 113 -25.33 -21.61 16.62
CA GLY D 113 -24.06 -20.88 16.53
C GLY D 113 -22.96 -21.46 17.42
N ALA D 114 -23.18 -22.69 17.88
CA ALA D 114 -22.22 -23.36 18.72
C ALA D 114 -21.44 -24.43 17.94
N GLY D 115 -20.14 -24.46 18.21
CA GLY D 115 -19.27 -25.42 17.58
C GLY D 115 -18.06 -25.60 18.48
N HIS D 116 -17.13 -26.47 18.09
CA HIS D 116 -15.93 -26.69 18.89
C HIS D 116 -14.78 -26.13 18.08
N PHE D 117 -14.40 -24.90 18.41
CA PHE D 117 -13.32 -24.22 17.69
C PHE D 117 -12.95 -22.91 18.34
N VAL D 118 -12.00 -22.26 17.68
CA VAL D 118 -11.47 -20.97 18.09
C VAL D 118 -10.92 -20.34 16.82
N GLY D 119 -11.37 -19.14 16.49
CA GLY D 119 -10.89 -18.47 15.30
C GLY D 119 -11.19 -16.98 15.22
N VAL D 120 -10.64 -16.33 14.20
CA VAL D 120 -10.84 -14.91 13.94
C VAL D 120 -11.75 -14.85 12.72
N GLU D 121 -12.90 -14.21 12.86
CA GLU D 121 -13.87 -14.13 11.77
C GLU D 121 -13.91 -12.78 11.07
N PHE D 122 -14.27 -12.80 9.79
CA PHE D 122 -14.36 -11.60 8.95
C PHE D 122 -15.77 -11.58 8.39
N ASP D 123 -16.70 -11.25 9.28
CA ASP D 123 -18.13 -11.21 9.07
C ASP D 123 -18.65 -10.07 8.20
N THR D 124 -19.47 -10.39 7.19
CA THR D 124 -20.02 -9.34 6.32
C THR D 124 -21.55 -9.26 6.19
N TYR D 125 -22.27 -9.67 7.22
CA TYR D 125 -23.74 -9.61 7.23
C TYR D 125 -24.23 -9.73 8.66
N SER D 126 -24.78 -8.65 9.20
CA SER D 126 -25.24 -8.68 10.58
C SER D 126 -26.31 -9.72 10.91
N ASN D 127 -25.89 -10.81 11.55
CA ASN D 127 -26.82 -11.86 11.96
C ASN D 127 -27.26 -11.60 13.39
N SER D 128 -28.49 -11.12 13.54
CA SER D 128 -29.05 -10.80 14.85
C SER D 128 -29.15 -12.02 15.76
N GLU D 129 -29.40 -13.18 15.16
CA GLU D 129 -29.51 -14.41 15.93
C GLU D 129 -28.20 -14.73 16.63
N TYR D 130 -27.10 -14.17 16.12
CA TYR D 130 -25.77 -14.39 16.69
C TYR D 130 -25.20 -13.13 17.35
N ASN D 131 -26.09 -12.20 17.71
CA ASN D 131 -25.72 -10.95 18.34
C ASN D 131 -24.59 -10.25 17.58
N ASP D 132 -24.71 -10.22 16.26
CA ASP D 132 -23.72 -9.56 15.39
C ASP D 132 -23.86 -8.05 15.46
N PRO D 133 -22.74 -7.34 15.35
CA PRO D 133 -22.79 -5.87 15.40
C PRO D 133 -23.55 -5.39 14.16
N PRO D 134 -23.93 -4.11 14.12
CA PRO D 134 -24.65 -3.58 12.95
C PRO D 134 -23.90 -3.48 11.61
N THR D 135 -22.56 -3.45 11.64
CA THR D 135 -21.80 -3.33 10.40
C THR D 135 -20.78 -4.46 10.23
N ASP D 136 -20.05 -4.47 9.12
CA ASP D 136 -19.05 -5.52 8.90
C ASP D 136 -18.11 -5.49 10.08
N HIS D 137 -17.54 -6.63 10.42
CA HIS D 137 -16.65 -6.66 11.58
C HIS D 137 -15.69 -7.83 11.62
N VAL D 138 -14.68 -7.68 12.45
CA VAL D 138 -13.66 -8.69 12.69
C VAL D 138 -13.91 -9.13 14.12
N GLY D 139 -14.11 -10.43 14.33
CA GLY D 139 -14.36 -10.91 15.66
C GLY D 139 -13.52 -12.11 16.05
N ILE D 140 -13.28 -12.24 17.36
CA ILE D 140 -12.55 -13.38 17.89
C ILE D 140 -13.60 -14.31 18.45
N ASP D 141 -13.66 -15.54 17.92
CA ASP D 141 -14.66 -16.53 18.35
C ASP D 141 -14.14 -17.74 19.17
N VAL D 142 -14.93 -18.15 20.15
CA VAL D 142 -14.58 -19.29 20.98
C VAL D 142 -15.78 -20.24 21.10
N ASN D 143 -15.75 -21.33 20.33
CA ASN D 143 -16.84 -22.31 20.35
C ASN D 143 -18.18 -21.63 20.10
N SER D 144 -18.20 -20.58 19.27
CA SER D 144 -19.43 -19.87 18.99
C SER D 144 -19.27 -18.71 18.02
N VAL D 145 -20.28 -18.46 17.19
CA VAL D 145 -20.20 -17.34 16.26
C VAL D 145 -20.72 -16.06 16.93
N ASP D 146 -21.17 -16.21 18.18
CA ASP D 146 -21.60 -15.07 18.96
C ASP D 146 -20.23 -14.69 19.56
N SER D 147 -19.50 -13.87 18.80
CA SER D 147 -18.15 -13.46 19.18
C SER D 147 -17.98 -12.99 20.61
N VAL D 148 -16.81 -13.29 21.17
CA VAL D 148 -16.46 -12.89 22.52
C VAL D 148 -16.19 -11.39 22.55
N LYS D 149 -15.75 -10.87 21.41
CA LYS D 149 -15.44 -9.46 21.22
C LYS D 149 -15.29 -9.23 19.73
N THR D 150 -15.65 -8.05 19.25
CA THR D 150 -15.49 -7.74 17.83
C THR D 150 -15.08 -6.27 17.70
N VAL D 151 -14.64 -5.90 16.51
CA VAL D 151 -14.22 -4.54 16.25
C VAL D 151 -14.81 -4.15 14.89
N PRO D 152 -15.28 -2.91 14.75
CA PRO D 152 -15.86 -2.44 13.49
C PRO D 152 -14.82 -2.55 12.37
N TRP D 153 -15.26 -3.05 11.22
CA TRP D 153 -14.41 -3.21 10.05
C TRP D 153 -15.28 -3.02 8.82
N ASN D 154 -14.65 -2.98 7.65
CA ASN D 154 -15.39 -2.80 6.41
C ASN D 154 -14.77 -3.66 5.32
N SER D 155 -15.59 -4.47 4.66
CA SER D 155 -15.11 -5.33 3.58
C SER D 155 -15.26 -4.62 2.24
N VAL D 156 -14.15 -4.50 1.52
CA VAL D 156 -14.17 -3.86 0.22
C VAL D 156 -14.08 -4.88 -0.89
N SER D 157 -15.20 -5.08 -1.59
CA SER D 157 -15.25 -6.03 -2.69
C SER D 157 -14.04 -5.93 -3.60
N GLY D 158 -13.47 -7.08 -3.96
CA GLY D 158 -12.31 -7.10 -4.84
C GLY D 158 -11.05 -6.64 -4.15
N ALA D 159 -11.16 -6.22 -2.90
CA ALA D 159 -9.97 -5.76 -2.21
C ALA D 159 -9.24 -6.92 -1.59
N VAL D 160 -7.92 -6.92 -1.76
CA VAL D 160 -7.07 -7.95 -1.20
C VAL D 160 -6.68 -7.48 0.20
N VAL D 161 -7.09 -8.25 1.20
CA VAL D 161 -6.80 -7.92 2.59
C VAL D 161 -5.67 -8.78 3.14
N LYS D 162 -4.84 -8.18 3.99
CA LYS D 162 -3.72 -8.89 4.62
C LYS D 162 -4.07 -9.00 6.09
N VAL D 163 -3.64 -10.08 6.72
CA VAL D 163 -3.90 -10.27 8.13
C VAL D 163 -2.69 -10.91 8.76
N THR D 164 -2.41 -10.48 9.99
CA THR D 164 -1.29 -11.03 10.75
C THR D 164 -1.83 -11.40 12.11
N VAL D 165 -1.60 -12.63 12.53
CA VAL D 165 -2.08 -13.07 13.81
C VAL D 165 -0.92 -13.53 14.68
N ILE D 166 -0.97 -13.14 15.95
CA ILE D 166 0.05 -13.51 16.92
C ILE D 166 -0.65 -14.11 18.13
N TYR D 167 -0.11 -15.20 18.65
CA TYR D 167 -0.68 -15.78 19.85
C TYR D 167 0.46 -16.00 20.83
N ASP D 168 0.36 -15.34 21.97
CA ASP D 168 1.39 -15.46 22.99
C ASP D 168 0.92 -16.35 24.13
N SER D 169 1.55 -17.51 24.26
CA SER D 169 1.18 -18.47 25.30
C SER D 169 1.17 -17.89 26.72
N SER D 170 2.29 -17.28 27.12
CA SER D 170 2.44 -16.69 28.46
C SER D 170 1.23 -15.88 28.90
N THR D 171 0.71 -15.06 28.01
CA THR D 171 -0.45 -14.23 28.34
C THR D 171 -1.73 -14.74 27.71
N LYS D 172 -1.65 -15.86 27.00
CA LYS D 172 -2.83 -16.43 26.38
C LYS D 172 -3.58 -15.38 25.58
N THR D 173 -2.82 -14.48 24.97
CA THR D 173 -3.38 -13.41 24.17
C THR D 173 -3.32 -13.67 22.66
N LEU D 174 -4.46 -13.43 22.01
CA LEU D 174 -4.59 -13.60 20.56
C LEU D 174 -4.77 -12.21 19.95
N SER D 175 -3.75 -11.75 19.24
CA SER D 175 -3.78 -10.43 18.62
C SER D 175 -3.86 -10.44 17.11
N VAL D 176 -4.86 -9.75 16.60
CA VAL D 176 -5.06 -9.67 15.15
C VAL D 176 -4.82 -8.25 14.64
N ALA D 177 -4.43 -8.13 13.38
CA ALA D 177 -4.19 -6.84 12.75
C ALA D 177 -4.58 -6.96 11.27
N VAL D 178 -5.64 -6.25 10.89
CA VAL D 178 -6.14 -6.26 9.52
C VAL D 178 -5.61 -5.08 8.73
N THR D 179 -5.15 -5.34 7.51
CA THR D 179 -4.64 -4.27 6.67
C THR D 179 -5.58 -4.09 5.50
N ASN D 180 -6.46 -3.10 5.60
CA ASN D 180 -7.45 -2.81 4.55
C ASN D 180 -6.90 -2.33 3.21
N ASP D 181 -7.80 -2.04 2.28
CA ASP D 181 -7.42 -1.58 0.95
C ASP D 181 -6.78 -0.19 1.00
N ASN D 182 -7.48 0.76 1.60
CA ASN D 182 -7.00 2.13 1.71
C ASN D 182 -5.66 2.31 2.40
N GLY D 183 -5.23 1.31 3.17
CA GLY D 183 -3.97 1.41 3.86
C GLY D 183 -4.08 1.44 5.37
N ASP D 184 -5.27 1.72 5.89
CA ASP D 184 -5.50 1.77 7.34
C ASP D 184 -5.52 0.38 7.99
N ILE D 185 -5.12 0.31 9.27
CA ILE D 185 -5.13 -0.94 10.01
C ILE D 185 -6.22 -0.99 11.08
N THR D 186 -6.72 -2.19 11.32
CA THR D 186 -7.76 -2.44 12.29
C THR D 186 -7.23 -3.59 13.12
N THR D 187 -7.24 -3.46 14.44
CA THR D 187 -6.75 -4.54 15.28
C THR D 187 -7.79 -4.97 16.30
N ILE D 188 -7.56 -6.13 16.89
CA ILE D 188 -8.43 -6.69 17.92
C ILE D 188 -7.63 -7.74 18.69
N ALA D 189 -7.72 -7.70 20.01
CA ALA D 189 -7.01 -8.67 20.84
C ALA D 189 -7.96 -9.21 21.89
N GLN D 190 -7.65 -10.41 22.39
CA GLN D 190 -8.49 -11.05 23.39
C GLN D 190 -7.77 -12.22 24.04
N VAL D 191 -7.80 -12.27 25.36
CA VAL D 191 -7.19 -13.35 26.10
C VAL D 191 -8.03 -14.60 25.87
N VAL D 192 -7.42 -15.58 25.22
CA VAL D 192 -8.06 -16.85 24.92
C VAL D 192 -7.09 -17.92 25.36
N ASP D 193 -7.56 -18.79 26.25
CA ASP D 193 -6.78 -19.90 26.80
C ASP D 193 -6.96 -21.12 25.90
N LEU D 194 -6.11 -21.23 24.88
CA LEU D 194 -6.18 -22.32 23.92
C LEU D 194 -6.10 -23.72 24.53
N LYS D 195 -5.19 -23.92 25.46
CA LYS D 195 -5.03 -25.23 26.09
C LYS D 195 -6.27 -25.63 26.88
N ALA D 196 -7.17 -24.68 27.09
CA ALA D 196 -8.39 -24.95 27.85
C ALA D 196 -9.60 -25.13 26.95
N LYS D 197 -9.53 -24.61 25.72
CA LYS D 197 -10.65 -24.71 24.81
C LYS D 197 -10.47 -25.68 23.65
N LEU D 198 -9.30 -26.31 23.57
CA LEU D 198 -9.02 -27.24 22.48
C LEU D 198 -8.12 -28.36 22.97
N PRO D 199 -7.95 -29.41 22.15
CA PRO D 199 -7.10 -30.56 22.51
C PRO D 199 -5.65 -30.41 22.03
N GLU D 200 -4.75 -31.22 22.58
CA GLU D 200 -3.32 -31.20 22.24
C GLU D 200 -3.04 -30.97 20.77
N ARG D 201 -3.63 -31.82 19.93
CA ARG D 201 -3.47 -31.74 18.49
C ARG D 201 -4.70 -31.07 17.89
N VAL D 202 -4.48 -30.07 17.05
CA VAL D 202 -5.58 -29.35 16.40
C VAL D 202 -5.22 -29.12 14.95
N LYS D 203 -6.13 -28.50 14.22
CA LYS D 203 -5.89 -28.19 12.80
C LYS D 203 -6.28 -26.75 12.52
N PHE D 204 -5.43 -26.03 11.83
CA PHE D 204 -5.68 -24.64 11.47
C PHE D 204 -6.28 -24.58 10.08
N GLY D 205 -7.17 -23.62 9.85
CA GLY D 205 -7.78 -23.51 8.54
C GLY D 205 -8.71 -22.33 8.37
N PHE D 206 -9.34 -22.28 7.20
CA PHE D 206 -10.28 -21.23 6.85
C PHE D 206 -11.60 -21.87 6.50
N SER D 207 -12.66 -21.08 6.57
CA SER D 207 -13.99 -21.55 6.25
C SER D 207 -14.78 -20.35 5.76
N ALA D 208 -15.88 -20.64 5.09
CA ALA D 208 -16.74 -19.60 4.57
C ALA D 208 -18.06 -20.26 4.24
N SER D 209 -19.11 -19.47 4.19
CA SER D 209 -20.42 -20.02 3.92
C SER D 209 -21.30 -19.05 3.14
N GLY D 210 -22.55 -19.46 2.93
CA GLY D 210 -23.50 -18.65 2.21
C GLY D 210 -24.89 -19.18 2.50
N SER D 211 -25.90 -18.54 1.91
CA SER D 211 -27.28 -18.95 2.09
C SER D 211 -28.00 -18.88 0.74
N LEU D 212 -29.32 -18.82 0.79
CA LEU D 212 -30.14 -18.72 -0.41
C LEU D 212 -29.85 -17.42 -1.17
N GLY D 213 -29.85 -16.31 -0.42
CA GLY D 213 -29.58 -15.01 -1.01
C GLY D 213 -28.21 -14.44 -0.67
N GLY D 214 -27.54 -15.06 0.30
CA GLY D 214 -26.23 -14.59 0.69
C GLY D 214 -25.09 -15.31 -0.01
N ARG D 215 -24.47 -14.64 -0.98
CA ARG D 215 -23.37 -15.25 -1.71
C ARG D 215 -22.36 -14.19 -2.10
N GLN D 216 -21.13 -14.61 -2.36
CA GLN D 216 -20.04 -13.71 -2.74
C GLN D 216 -18.76 -14.54 -2.79
N ILE D 217 -17.75 -14.01 -3.46
CA ILE D 217 -16.48 -14.70 -3.56
C ILE D 217 -15.67 -14.65 -2.27
N HIS D 218 -15.28 -15.82 -1.79
CA HIS D 218 -14.49 -15.93 -0.57
C HIS D 218 -13.17 -16.59 -0.91
N LEU D 219 -12.17 -15.80 -1.27
CA LEU D 219 -10.87 -16.33 -1.66
C LEU D 219 -9.80 -16.31 -0.58
N ILE D 220 -8.83 -17.22 -0.70
CA ILE D 220 -7.68 -17.27 0.20
C ILE D 220 -6.47 -17.30 -0.74
N ARG D 221 -5.79 -16.17 -0.83
CA ARG D 221 -4.63 -16.01 -1.71
C ARG D 221 -3.32 -16.65 -1.22
N SER D 222 -2.92 -16.37 0.02
CA SER D 222 -1.69 -16.93 0.56
C SER D 222 -1.82 -17.26 2.04
N TRP D 223 -0.75 -17.82 2.63
CA TRP D 223 -0.78 -18.18 4.04
C TRP D 223 0.56 -18.71 4.57
N SER D 224 1.10 -18.03 5.58
CA SER D 224 2.35 -18.44 6.22
C SER D 224 2.05 -18.70 7.71
N PHE D 225 2.77 -19.62 8.33
CA PHE D 225 2.51 -19.97 9.72
C PHE D 225 3.74 -20.54 10.40
N THR D 226 3.94 -20.15 11.66
CA THR D 226 5.06 -20.65 12.45
C THR D 226 4.62 -20.75 13.89
N SER D 227 4.74 -21.94 14.45
CA SER D 227 4.35 -22.16 15.83
C SER D 227 5.51 -22.86 16.53
N THR D 228 5.68 -22.55 17.81
CA THR D 228 6.76 -23.13 18.57
C THR D 228 6.29 -23.53 19.96
N LEU D 229 6.52 -24.79 20.29
CA LEU D 229 6.15 -25.34 21.58
C LEU D 229 7.41 -25.65 22.35
N ILE D 230 7.55 -25.06 23.52
CA ILE D 230 8.72 -25.31 24.33
C ILE D 230 8.61 -26.69 24.99
N THR D 231 9.55 -27.56 24.63
CA THR D 231 9.58 -28.93 25.12
C THR D 231 10.61 -29.15 26.22
N THR D 232 11.52 -28.19 26.38
CA THR D 232 12.56 -28.28 27.39
C THR D 232 11.96 -28.27 28.80
C2 BGC E . -35.84 -14.76 7.80
C3 BGC E . -35.27 -13.37 7.57
C4 BGC E . -33.77 -13.35 7.91
C5 BGC E . -33.04 -14.46 7.13
C6 BGC E . -31.59 -14.58 7.57
C1 BGC E . -35.04 -15.80 6.99
O1 BGC E . -35.29 -16.77 7.93
O2 BGC E . -37.20 -14.80 7.41
O3 BGC E . -35.96 -12.44 8.39
O4 BGC E . -33.22 -12.09 7.57
O5 BGC E . -33.66 -15.74 7.37
O6 BGC E . -30.72 -14.05 6.56
C1 GLA E . -30.21 -15.04 5.70
C2 GLA E . -29.04 -15.77 6.37
C3 GLA E . -27.88 -14.79 6.58
C4 GLA E . -27.48 -14.19 5.24
C5 GLA E . -28.70 -13.52 4.59
C6 GLA E . -28.40 -12.97 3.20
O2 GLA E . -29.44 -16.33 7.60
O3 GLA E . -26.77 -15.45 7.16
O4 GLA E . -26.89 -15.16 4.40
O5 GLA E . -29.78 -14.47 4.46
O6 GLA E . -29.13 -11.78 2.95
C1 GLA F . 30.28 -3.82 31.11
C2 GLA F . 29.11 -2.94 30.68
C3 GLA F . 28.06 -3.77 29.94
C4 GLA F . 28.70 -4.58 28.80
C5 GLA F . 29.94 -5.35 29.31
C6 GLA F . 30.70 -6.03 28.19
O1 GLA F . 30.39 -4.70 32.18
O2 GLA F . 28.52 -2.32 31.81
O3 GLA F . 27.05 -2.92 29.44
O4 GLA F . 29.07 -3.73 27.73
O5 GLA F . 30.86 -4.45 29.96
O6 GLA F . 31.58 -7.01 28.71
CA CA G . 21.75 -5.67 29.56
MN MN H . 17.23 -6.46 29.85
C1 GLA I . -9.69 41.68 -8.48
C2 GLA I . -8.57 40.70 -8.15
C3 GLA I . -8.80 39.42 -8.99
C4 GLA I . -10.21 38.87 -8.75
C5 GLA I . -11.27 39.98 -8.91
C6 GLA I . -12.66 39.54 -8.51
O1 GLA I . -9.69 42.53 -9.58
O2 GLA I . -7.30 41.25 -8.47
O3 GLA I . -7.85 38.44 -8.64
O4 GLA I . -10.29 38.29 -7.47
O5 GLA I . -10.94 41.14 -8.09
O6 GLA I . -13.59 40.60 -8.69
CA CA J . -6.06 34.27 -12.20
MN MN K . -3.97 31.45 -14.84
S SO4 L . 22.09 9.13 -3.66
O1 SO4 L . 21.69 8.87 -2.25
O2 SO4 L . 22.63 7.87 -4.24
O3 SO4 L . 20.92 9.59 -4.44
O4 SO4 L . 23.14 10.17 -3.68
C1 GLA M . 12.13 -18.74 -25.51
C2 GLA M . 11.01 -17.94 -26.16
C3 GLA M . 10.62 -16.80 -25.21
C4 GLA M . 10.24 -17.36 -23.83
C5 GLA M . 11.33 -18.30 -23.30
C6 GLA M . 10.88 -19.02 -22.04
O1 GLA M . 13.48 -18.45 -25.50
O2 GLA M . 11.45 -17.41 -27.40
O3 GLA M . 9.54 -16.06 -25.75
O4 GLA M . 9.01 -18.05 -23.90
O5 GLA M . 11.67 -19.31 -24.28
O6 GLA M . 11.92 -19.81 -21.49
CA CA N . 10.14 -10.18 -24.29
MN MN O . 10.03 -5.90 -24.55
S SO4 P . -17.00 15.71 -36.18
O1 SO4 P . -15.95 15.67 -35.14
O2 SO4 P . -18.20 14.95 -35.70
O3 SO4 P . -17.40 17.12 -36.44
O4 SO4 P . -16.50 15.09 -37.42
CA CA Q . -22.91 -12.74 10.50
MN MN R . -19.86 -11.93 14.12
#